data_1IPS
#
_entry.id   1IPS
#
_cell.length_a   59.200
_cell.length_b   127.000
_cell.length_c   139.600
_cell.angle_alpha   90.00
_cell.angle_beta   90.00
_cell.angle_gamma   90.00
#
_symmetry.space_group_name_H-M   'P 21 21 21'
#
loop_
_entity.id
_entity.type
_entity.pdbx_description
1 polymer 'ISOPENICILLIN N SYNTHASE'
2 non-polymer 'MANGANESE (II) ION'
3 water water
#
_entity_poly.entity_id   1
_entity_poly.type   'polypeptide(L)'
_entity_poly.pdbx_seq_one_letter_code
;MGSVSKANVPKIDVSPLFGDDQAAKMRVAQQIDAASRDTGFFYAVNHGINVQRLSQKTKEFHMSITPEEKWDLAIRAYNK
EHQDQVRAGYYLSIPGKKAVESFCYLNPNFTPDHPRIQAKTPTHEVNVWPDETKHPGFQDFAEQYYWDVFGLSSALLKGY
ALALGKEENFFARHFKPDDTLASVVLIRYPYLDPYPEAAIKTAADGTKLSFEWHEDVSLITVLYQSNVQNLQVETAAGYQ
DIEADDTGYLINCGSYMAHLTNNYYKAPIHRVKWVNAERQSLPFFVNLGYDSVIDPFDPREPNGKSDREPLSYGDYLQNG
LVSLINKNGQT
;
_entity_poly.pdbx_strand_id   A,B
#
# COMPACT_ATOMS: atom_id res chain seq x y z
N VAL A 4 18.43 19.51 11.34
CA VAL A 4 17.05 19.16 10.87
C VAL A 4 16.33 20.49 10.71
N SER A 5 15.71 20.72 9.56
CA SER A 5 15.03 21.98 9.34
C SER A 5 13.51 21.85 9.50
N LYS A 6 12.83 22.98 9.42
CA LYS A 6 11.37 23.04 9.51
C LYS A 6 10.81 22.98 8.10
N ALA A 7 9.71 22.26 7.92
CA ALA A 7 9.08 22.14 6.63
C ALA A 7 8.23 23.37 6.36
N ASN A 8 8.15 23.77 5.09
CA ASN A 8 7.35 24.91 4.69
C ASN A 8 5.87 24.51 4.77
N VAL A 9 5.22 24.84 5.87
CA VAL A 9 3.80 24.53 6.05
C VAL A 9 3.04 25.87 6.14
N PRO A 10 2.49 26.32 5.01
CA PRO A 10 1.75 27.59 4.98
C PRO A 10 0.48 27.60 5.81
N LYS A 11 0.15 28.77 6.35
CA LYS A 11 -1.07 28.92 7.14
C LYS A 11 -2.10 29.58 6.25
N ILE A 12 -2.97 28.78 5.65
CA ILE A 12 -4.00 29.27 4.74
C ILE A 12 -5.29 29.66 5.46
N ASP A 13 -5.86 30.78 5.06
CA ASP A 13 -7.12 31.25 5.63
C ASP A 13 -8.21 30.59 4.83
N VAL A 14 -8.93 29.70 5.47
CA VAL A 14 -9.97 28.93 4.84
C VAL A 14 -11.38 29.54 4.85
N SER A 15 -11.54 30.66 5.54
CA SER A 15 -12.86 31.28 5.61
C SER A 15 -13.59 31.44 4.28
N PRO A 16 -12.93 31.97 3.25
CA PRO A 16 -13.60 32.14 1.95
C PRO A 16 -14.37 30.92 1.45
N LEU A 17 -13.85 29.74 1.76
CA LEU A 17 -14.47 28.48 1.33
C LEU A 17 -15.89 28.25 1.85
N PHE A 18 -16.24 28.97 2.90
CA PHE A 18 -17.58 28.89 3.50
C PHE A 18 -18.49 29.96 2.89
N GLY A 19 -17.91 30.86 2.09
CA GLY A 19 -18.69 31.92 1.48
C GLY A 19 -19.13 31.65 0.05
N ASP A 20 -19.54 32.72 -0.64
CA ASP A 20 -19.99 32.63 -2.03
C ASP A 20 -19.12 33.45 -2.98
N ASP A 21 -18.16 34.19 -2.43
CA ASP A 21 -17.28 35.00 -3.25
C ASP A 21 -16.35 34.08 -4.02
N GLN A 22 -16.72 33.77 -5.26
CA GLN A 22 -15.95 32.90 -6.11
C GLN A 22 -14.50 33.34 -6.23
N ALA A 23 -14.30 34.65 -6.32
CA ALA A 23 -12.95 35.21 -6.45
C ALA A 23 -12.02 34.80 -5.32
N ALA A 24 -12.44 35.06 -4.08
CA ALA A 24 -11.64 34.71 -2.92
C ALA A 24 -11.47 33.18 -2.86
N LYS A 25 -12.52 32.46 -3.24
CA LYS A 25 -12.46 31.00 -3.24
C LYS A 25 -11.36 30.51 -4.15
N MET A 26 -11.27 31.07 -5.34
CA MET A 26 -10.24 30.64 -6.26
C MET A 26 -8.87 30.98 -5.71
N ARG A 27 -8.81 32.08 -4.97
CA ARG A 27 -7.56 32.52 -4.36
C ARG A 27 -7.10 31.46 -3.36
N VAL A 28 -8.03 30.99 -2.52
CA VAL A 28 -7.71 29.97 -1.53
C VAL A 28 -7.25 28.72 -2.26
N ALA A 29 -7.99 28.37 -3.31
CA ALA A 29 -7.70 27.20 -4.10
C ALA A 29 -6.26 27.20 -4.60
N GLN A 30 -5.81 28.33 -5.13
CA GLN A 30 -4.46 28.43 -5.64
C GLN A 30 -3.43 28.13 -4.55
N GLN A 31 -3.71 28.63 -3.35
CA GLN A 31 -2.82 28.41 -2.21
C GLN A 31 -2.78 26.92 -1.87
N ILE A 32 -3.97 26.32 -1.76
CA ILE A 32 -4.06 24.89 -1.46
C ILE A 32 -3.28 24.09 -2.50
N ASP A 33 -3.41 24.48 -3.77
CA ASP A 33 -2.71 23.79 -4.85
C ASP A 33 -1.20 23.86 -4.66
N ALA A 34 -0.69 25.03 -4.28
CA ALA A 34 0.73 25.19 -4.08
C ALA A 34 1.25 24.34 -2.90
N ALA A 35 0.51 24.33 -1.80
CA ALA A 35 0.90 23.56 -0.62
C ALA A 35 0.95 22.07 -0.94
N SER A 36 -0.12 21.57 -1.54
CA SER A 36 -0.23 20.17 -1.92
C SER A 36 0.85 19.73 -2.89
N ARG A 37 1.47 20.69 -3.57
CA ARG A 37 2.52 20.38 -4.52
C ARG A 37 3.90 20.56 -3.93
N ASP A 38 3.96 21.14 -2.73
CA ASP A 38 5.24 21.34 -2.06
C ASP A 38 5.43 20.24 -1.00
N THR A 39 5.15 20.55 0.26
CA THR A 39 5.28 19.60 1.37
C THR A 39 4.09 18.65 1.42
N GLY A 40 2.95 19.13 0.96
CA GLY A 40 1.75 18.33 0.95
C GLY A 40 0.96 18.60 2.21
N PHE A 41 1.46 19.51 3.04
CA PHE A 41 0.83 19.89 4.31
C PHE A 41 0.56 21.38 4.37
N PHE A 42 -0.51 21.75 5.07
CA PHE A 42 -0.85 23.16 5.26
C PHE A 42 -1.77 23.32 6.45
N TYR A 43 -1.70 24.48 7.07
CA TYR A 43 -2.55 24.78 8.22
C TYR A 43 -3.75 25.56 7.74
N ALA A 44 -4.93 25.01 8.00
CA ALA A 44 -6.17 25.68 7.64
C ALA A 44 -6.50 26.46 8.89
N VAL A 45 -6.38 27.78 8.80
CA VAL A 45 -6.65 28.65 9.92
C VAL A 45 -7.93 29.41 9.62
N ASN A 46 -8.61 29.90 10.65
CA ASN A 46 -9.88 30.62 10.52
C ASN A 46 -10.98 29.67 10.08
N HIS A 47 -10.96 28.47 10.64
CA HIS A 47 -11.93 27.40 10.34
C HIS A 47 -13.26 27.51 11.07
N GLY A 48 -13.30 28.38 12.08
CA GLY A 48 -14.51 28.60 12.86
C GLY A 48 -14.94 27.52 13.83
N ILE A 49 -14.00 26.73 14.32
CA ILE A 49 -14.32 25.65 15.25
C ILE A 49 -13.68 25.92 16.60
N ASN A 50 -14.45 25.71 17.68
CA ASN A 50 -13.96 25.91 19.04
C ASN A 50 -13.00 24.79 19.44
N VAL A 51 -11.78 24.97 18.98
CA VAL A 51 -10.69 24.06 19.17
C VAL A 51 -10.31 23.96 20.65
N GLN A 52 -10.60 25.01 21.40
CA GLN A 52 -10.28 25.03 22.82
C GLN A 52 -11.15 24.04 23.61
N ARG A 53 -12.46 24.15 23.46
CA ARG A 53 -13.36 23.23 24.17
C ARG A 53 -13.05 21.79 23.78
N LEU A 54 -12.64 21.60 22.53
CA LEU A 54 -12.28 20.29 21.99
C LEU A 54 -11.14 19.62 22.76
N SER A 55 -10.04 20.34 22.99
CA SER A 55 -8.91 19.73 23.70
C SER A 55 -9.24 19.46 25.16
N GLN A 56 -10.07 20.32 25.73
CA GLN A 56 -10.47 20.19 27.13
C GLN A 56 -11.31 18.95 27.37
N LYS A 57 -12.43 18.81 26.66
CA LYS A 57 -13.32 17.65 26.80
C LYS A 57 -12.55 16.35 26.60
N THR A 58 -11.71 16.35 25.56
CA THR A 58 -10.87 15.22 25.20
C THR A 58 -9.91 14.89 26.32
N LYS A 59 -9.21 15.90 26.84
CA LYS A 59 -8.27 15.68 27.93
C LYS A 59 -9.04 15.05 29.07
N GLU A 60 -10.23 15.59 29.33
CA GLU A 60 -11.09 15.09 30.40
C GLU A 60 -11.36 13.61 30.18
N PHE A 61 -11.79 13.27 28.96
CA PHE A 61 -12.08 11.89 28.63
C PHE A 61 -10.92 10.93 28.96
N HIS A 62 -9.76 11.19 28.39
CA HIS A 62 -8.60 10.32 28.60
C HIS A 62 -8.10 10.16 30.03
N MET A 63 -8.24 11.19 30.84
CA MET A 63 -7.77 11.08 32.20
C MET A 63 -8.76 10.39 33.12
N SER A 64 -10.05 10.51 32.83
CA SER A 64 -11.06 9.90 33.68
C SER A 64 -11.57 8.51 33.35
N ILE A 65 -11.44 8.09 32.09
CA ILE A 65 -11.93 6.77 31.70
C ILE A 65 -11.11 5.70 32.42
N THR A 66 -11.79 4.75 33.05
CA THR A 66 -11.13 3.69 33.80
C THR A 66 -10.83 2.48 32.94
N PRO A 67 -9.87 1.64 33.36
CA PRO A 67 -9.50 0.43 32.62
C PRO A 67 -10.63 -0.56 32.35
N GLU A 68 -11.59 -0.68 33.27
CA GLU A 68 -12.71 -1.60 33.08
C GLU A 68 -13.58 -1.02 31.99
N GLU A 69 -13.65 0.31 31.94
CA GLU A 69 -14.43 0.97 30.91
C GLU A 69 -13.73 0.79 29.57
N LYS A 70 -12.41 0.89 29.56
CA LYS A 70 -11.65 0.72 28.34
C LYS A 70 -11.91 -0.69 27.81
N TRP A 71 -11.80 -1.67 28.68
CA TRP A 71 -12.02 -3.06 28.30
C TRP A 71 -13.42 -3.25 27.74
N ASP A 72 -14.38 -2.62 28.38
CA ASP A 72 -15.76 -2.73 27.94
C ASP A 72 -16.04 -2.04 26.61
N LEU A 73 -15.12 -1.19 26.15
CA LEU A 73 -15.27 -0.50 24.88
C LEU A 73 -14.29 -0.99 23.85
N ALA A 74 -13.33 -1.79 24.29
CA ALA A 74 -12.28 -2.31 23.40
C ALA A 74 -12.83 -2.98 22.16
N ILE A 75 -12.10 -2.84 21.05
CA ILE A 75 -12.48 -3.48 19.79
C ILE A 75 -12.13 -4.98 19.84
N ARG A 76 -12.62 -5.75 18.86
CA ARG A 76 -12.42 -7.19 18.78
C ARG A 76 -10.96 -7.65 18.86
N ALA A 77 -10.06 -6.88 18.30
CA ALA A 77 -8.64 -7.22 18.32
C ALA A 77 -8.10 -7.30 19.74
N TYR A 78 -8.79 -6.68 20.69
CA TYR A 78 -8.38 -6.72 22.10
C TYR A 78 -9.32 -7.54 22.92
N ASN A 79 -10.62 -7.24 22.82
CA ASN A 79 -11.65 -7.95 23.57
C ASN A 79 -12.42 -8.89 22.65
N LYS A 80 -11.98 -10.14 22.65
CA LYS A 80 -12.56 -11.20 21.82
C LYS A 80 -14.08 -11.30 21.84
N GLU A 81 -14.69 -10.74 22.88
CA GLU A 81 -16.13 -10.79 23.09
C GLU A 81 -16.96 -9.95 22.09
N HIS A 82 -16.49 -8.75 21.78
CA HIS A 82 -17.21 -7.86 20.89
C HIS A 82 -16.91 -8.18 19.44
N GLN A 83 -17.45 -9.28 18.95
CA GLN A 83 -17.20 -9.68 17.57
C GLN A 83 -17.58 -8.65 16.53
N ASP A 84 -18.54 -7.78 16.84
CA ASP A 84 -19.00 -6.77 15.89
C ASP A 84 -18.21 -5.47 15.92
N GLN A 85 -17.22 -5.36 16.78
CA GLN A 85 -16.46 -4.13 16.84
C GLN A 85 -15.11 -4.30 16.18
N VAL A 86 -14.97 -3.76 14.98
CA VAL A 86 -13.71 -3.87 14.26
C VAL A 86 -12.96 -2.54 14.21
N ARG A 87 -13.65 -1.47 13.84
CA ARG A 87 -13.04 -0.14 13.73
C ARG A 87 -13.41 0.71 14.94
N ALA A 88 -14.70 0.76 15.24
CA ALA A 88 -15.23 1.57 16.33
C ALA A 88 -15.00 1.00 17.71
N GLY A 89 -14.57 1.86 18.63
CA GLY A 89 -14.29 1.45 20.00
C GLY A 89 -12.93 1.87 20.49
N TYR A 90 -12.52 1.27 21.60
CA TYR A 90 -11.23 1.57 22.25
C TYR A 90 -10.12 0.62 21.79
N TYR A 91 -8.91 1.16 21.69
CA TYR A 91 -7.71 0.42 21.30
C TYR A 91 -6.81 0.49 22.53
N LEU A 92 -6.73 -0.62 23.24
CA LEU A 92 -5.95 -0.69 24.48
C LEU A 92 -4.44 -0.63 24.27
N SER A 93 -3.76 -0.21 25.33
CA SER A 93 -2.32 -0.18 25.33
C SER A 93 -1.93 -1.58 25.80
N ILE A 94 -0.74 -2.02 25.44
CA ILE A 94 -0.31 -3.35 25.84
C ILE A 94 0.93 -3.11 26.66
N PRO A 95 0.84 -3.32 27.97
CA PRO A 95 1.95 -3.14 28.90
C PRO A 95 3.24 -3.75 28.38
N GLY A 96 4.26 -2.90 28.22
CA GLY A 96 5.54 -3.35 27.74
C GLY A 96 5.71 -3.28 26.24
N LYS A 97 4.60 -3.36 25.51
CA LYS A 97 4.71 -3.37 24.06
C LYS A 97 4.09 -2.19 23.34
N LYS A 98 3.03 -1.61 23.88
CA LYS A 98 2.33 -0.50 23.22
C LYS A 98 1.89 0.54 24.24
N ALA A 99 2.39 1.76 24.08
CA ALA A 99 2.03 2.85 24.99
C ALA A 99 0.81 3.72 24.55
N VAL A 100 0.68 3.97 23.25
CA VAL A 100 -0.41 4.78 22.73
C VAL A 100 -1.75 4.09 22.94
N GLU A 101 -2.81 4.86 23.17
CA GLU A 101 -4.17 4.35 23.34
C GLU A 101 -5.05 5.28 22.49
N SER A 102 -6.21 4.80 22.06
CA SER A 102 -7.08 5.65 21.30
C SER A 102 -8.48 5.13 21.26
N PHE A 103 -9.43 6.03 21.01
CA PHE A 103 -10.85 5.73 20.92
C PHE A 103 -11.28 6.21 19.54
N CYS A 104 -11.92 5.33 18.78
CA CYS A 104 -12.38 5.68 17.45
C CYS A 104 -13.89 5.59 17.31
N TYR A 105 -14.49 6.58 16.64
CA TYR A 105 -15.92 6.58 16.39
C TYR A 105 -16.20 6.99 14.95
N LEU A 106 -17.31 6.50 14.41
CA LEU A 106 -17.72 6.75 13.04
C LEU A 106 -18.91 7.71 12.93
N ASN A 107 -19.54 7.70 11.76
CA ASN A 107 -20.69 8.52 11.43
C ASN A 107 -21.78 8.31 12.46
N PRO A 108 -22.16 9.38 13.16
CA PRO A 108 -23.19 9.31 14.19
C PRO A 108 -24.53 8.78 13.69
N ASN A 109 -24.76 8.86 12.38
CA ASN A 109 -26.04 8.41 11.83
C ASN A 109 -26.17 6.92 11.66
N PHE A 110 -25.06 6.20 11.77
CA PHE A 110 -25.10 4.76 11.64
C PHE A 110 -25.74 4.14 12.86
N THR A 111 -27.02 3.81 12.76
CA THR A 111 -27.71 3.17 13.88
C THR A 111 -28.17 1.83 13.35
N PRO A 112 -28.82 1.02 14.18
CA PRO A 112 -29.27 -0.29 13.69
C PRO A 112 -30.37 -0.25 12.62
N ASP A 113 -31.00 0.90 12.42
CA ASP A 113 -32.07 1.04 11.43
C ASP A 113 -31.48 1.43 10.10
N HIS A 114 -30.27 1.95 10.13
CA HIS A 114 -29.60 2.39 8.93
C HIS A 114 -29.46 1.20 8.00
N PRO A 115 -29.88 1.36 6.74
CA PRO A 115 -29.81 0.28 5.76
C PRO A 115 -28.42 -0.33 5.58
N ARG A 116 -27.38 0.49 5.67
CA ARG A 116 -26.02 -0.01 5.53
C ARG A 116 -25.62 -0.94 6.68
N ILE A 117 -26.16 -0.68 7.86
CA ILE A 117 -25.85 -1.48 9.04
C ILE A 117 -26.66 -2.79 8.97
N GLN A 118 -27.92 -2.70 8.52
CA GLN A 118 -28.78 -3.87 8.39
C GLN A 118 -28.26 -4.78 7.29
N ALA A 119 -27.70 -4.19 6.25
CA ALA A 119 -27.16 -4.95 5.16
C ALA A 119 -25.85 -5.59 5.57
N LYS A 120 -25.31 -5.18 6.72
CA LYS A 120 -24.05 -5.70 7.21
C LYS A 120 -22.91 -5.49 6.21
N THR A 121 -22.84 -4.29 5.65
CA THR A 121 -21.83 -3.91 4.67
C THR A 121 -20.54 -3.64 5.42
N PRO A 122 -19.38 -4.03 4.86
CA PRO A 122 -18.10 -3.80 5.53
C PRO A 122 -17.87 -2.32 5.81
N THR A 123 -16.98 -2.05 6.77
CA THR A 123 -16.59 -0.69 7.20
C THR A 123 -17.67 0.14 7.90
N HIS A 124 -18.90 -0.37 7.96
CA HIS A 124 -20.01 0.34 8.63
C HIS A 124 -20.25 -0.27 9.99
N GLU A 125 -20.20 0.55 11.03
CA GLU A 125 -20.41 0.04 12.38
C GLU A 125 -21.22 1.04 13.17
N VAL A 126 -21.71 0.60 14.31
CA VAL A 126 -22.48 1.46 15.17
C VAL A 126 -21.56 1.80 16.35
N ASN A 127 -21.40 3.10 16.63
CA ASN A 127 -20.53 3.56 17.70
C ASN A 127 -20.86 3.01 19.08
N VAL A 128 -19.82 2.83 19.88
CA VAL A 128 -19.94 2.39 21.25
C VAL A 128 -19.45 3.62 22.03
N TRP A 129 -20.10 3.92 23.14
CA TRP A 129 -19.73 5.08 23.92
C TRP A 129 -19.64 4.79 25.40
N PRO A 130 -18.89 5.62 26.14
CA PRO A 130 -18.79 5.37 27.58
C PRO A 130 -20.13 5.68 28.27
N ASP A 131 -20.30 5.14 29.47
CA ASP A 131 -21.51 5.36 30.25
C ASP A 131 -21.74 6.85 30.53
N GLU A 132 -22.96 7.30 30.28
CA GLU A 132 -23.35 8.69 30.50
C GLU A 132 -23.17 9.15 31.94
N THR A 133 -23.58 8.31 32.88
CA THR A 133 -23.51 8.67 34.28
C THR A 133 -22.10 9.06 34.65
N LYS A 134 -21.14 8.31 34.12
CA LYS A 134 -19.73 8.53 34.38
C LYS A 134 -19.07 9.59 33.52
N HIS A 135 -19.55 9.76 32.29
CA HIS A 135 -18.96 10.76 31.40
C HIS A 135 -20.07 11.62 30.78
N PRO A 136 -20.77 12.39 31.62
CA PRO A 136 -21.87 13.27 31.20
C PRO A 136 -21.56 14.18 30.01
N GLY A 137 -22.43 14.12 29.01
CA GLY A 137 -22.26 14.94 27.84
C GLY A 137 -21.14 14.60 26.87
N PHE A 138 -20.42 13.52 27.11
CA PHE A 138 -19.33 13.18 26.18
C PHE A 138 -19.85 12.79 24.80
N GLN A 139 -20.77 11.84 24.75
CA GLN A 139 -21.33 11.40 23.48
C GLN A 139 -21.86 12.58 22.67
N ASP A 140 -22.63 13.45 23.33
CA ASP A 140 -23.22 14.62 22.68
C ASP A 140 -22.13 15.56 22.14
N PHE A 141 -21.05 15.70 22.89
CA PHE A 141 -19.96 16.55 22.45
C PHE A 141 -19.32 15.94 21.21
N ALA A 142 -18.93 14.68 21.32
CA ALA A 142 -18.27 13.95 20.25
C ALA A 142 -19.02 13.93 18.93
N GLU A 143 -20.34 13.76 19.00
CA GLU A 143 -21.15 13.72 17.80
C GLU A 143 -21.21 15.08 17.11
N GLN A 144 -21.41 16.13 17.90
CA GLN A 144 -21.46 17.47 17.36
C GLN A 144 -20.14 17.79 16.73
N TYR A 145 -19.06 17.43 17.41
CA TYR A 145 -17.73 17.68 16.87
C TYR A 145 -17.60 17.01 15.51
N TYR A 146 -18.13 15.79 15.38
CA TYR A 146 -18.06 15.08 14.11
C TYR A 146 -18.64 15.95 13.03
N TRP A 147 -19.83 16.48 13.28
CA TRP A 147 -20.50 17.35 12.32
C TRP A 147 -19.77 18.68 12.12
N ASP A 148 -19.07 19.15 13.15
CA ASP A 148 -18.30 20.37 13.06
C ASP A 148 -17.15 20.23 12.08
N VAL A 149 -16.28 19.24 12.27
CA VAL A 149 -15.17 19.03 11.34
C VAL A 149 -15.69 18.59 9.99
N PHE A 150 -16.83 17.92 9.99
CA PHE A 150 -17.45 17.50 8.73
C PHE A 150 -17.66 18.76 7.90
N GLY A 151 -18.19 19.80 8.55
CA GLY A 151 -18.44 21.05 7.86
C GLY A 151 -17.16 21.64 7.31
N LEU A 152 -16.10 21.59 8.09
CA LEU A 152 -14.81 22.13 7.65
C LEU A 152 -14.32 21.34 6.44
N SER A 153 -14.29 20.02 6.56
CA SER A 153 -13.83 19.16 5.49
C SER A 153 -14.65 19.38 4.23
N SER A 154 -15.96 19.42 4.38
CA SER A 154 -16.86 19.64 3.27
C SER A 154 -16.44 20.88 2.47
N ALA A 155 -15.98 21.92 3.17
CA ALA A 155 -15.53 23.16 2.54
C ALA A 155 -14.13 23.07 1.97
N LEU A 156 -13.24 22.33 2.64
CA LEU A 156 -11.88 22.16 2.15
C LEU A 156 -11.91 21.33 0.87
N LEU A 157 -12.90 20.44 0.76
CA LEU A 157 -13.04 19.61 -0.42
C LEU A 157 -13.47 20.47 -1.64
N LYS A 158 -14.20 21.55 -1.37
CA LYS A 158 -14.60 22.47 -2.42
C LYS A 158 -13.33 23.19 -2.88
N GLY A 159 -12.46 23.51 -1.92
CA GLY A 159 -11.19 24.16 -2.21
C GLY A 159 -10.29 23.25 -3.03
N TYR A 160 -10.26 21.96 -2.69
CA TYR A 160 -9.45 20.99 -3.42
C TYR A 160 -9.94 20.82 -4.85
N ALA A 161 -11.26 20.88 -5.05
CA ALA A 161 -11.86 20.76 -6.37
C ALA A 161 -11.40 21.91 -7.26
N LEU A 162 -11.52 23.13 -6.75
CA LEU A 162 -11.11 24.31 -7.49
C LEU A 162 -9.63 24.28 -7.86
N ALA A 163 -8.80 23.85 -6.92
CA ALA A 163 -7.35 23.75 -7.14
C ALA A 163 -6.98 22.79 -8.28
N LEU A 164 -7.81 21.78 -8.48
CA LEU A 164 -7.54 20.82 -9.51
C LEU A 164 -8.32 21.14 -10.79
N GLY A 165 -8.88 22.34 -10.86
CA GLY A 165 -9.62 22.76 -12.03
C GLY A 165 -10.94 22.06 -12.28
N LYS A 166 -11.45 21.37 -11.27
CA LYS A 166 -12.71 20.66 -11.40
C LYS A 166 -13.81 21.54 -10.83
N GLU A 167 -15.08 21.16 -11.04
CA GLU A 167 -16.16 21.95 -10.49
C GLU A 167 -16.09 21.90 -8.96
N GLU A 168 -16.59 22.94 -8.30
CA GLU A 168 -16.57 23.04 -6.85
C GLU A 168 -17.04 21.81 -6.07
N ASN A 169 -18.10 21.16 -6.56
CA ASN A 169 -18.64 19.99 -5.91
C ASN A 169 -18.11 18.67 -6.42
N PHE A 170 -16.96 18.73 -7.08
CA PHE A 170 -16.37 17.53 -7.64
C PHE A 170 -16.17 16.43 -6.58
N PHE A 171 -15.76 16.81 -5.38
CA PHE A 171 -15.54 15.84 -4.31
C PHE A 171 -16.72 15.84 -3.35
N ALA A 172 -17.08 17.03 -2.89
CA ALA A 172 -18.17 17.21 -1.92
C ALA A 172 -19.50 16.56 -2.23
N ARG A 173 -19.78 16.31 -3.50
CA ARG A 173 -21.06 15.68 -3.85
C ARG A 173 -21.07 14.25 -3.36
N HIS A 174 -19.90 13.75 -2.99
CA HIS A 174 -19.77 12.37 -2.50
C HIS A 174 -19.62 12.32 -0.97
N PHE A 175 -19.45 13.48 -0.36
CA PHE A 175 -19.28 13.64 1.09
C PHE A 175 -20.65 13.97 1.69
N LYS A 176 -21.37 12.96 2.13
CA LYS A 176 -22.71 13.15 2.68
C LYS A 176 -22.89 12.62 4.10
N PRO A 177 -23.74 13.29 4.88
CA PRO A 177 -23.98 12.92 6.28
C PRO A 177 -24.59 11.55 6.47
N ASP A 178 -25.40 11.10 5.53
CA ASP A 178 -26.05 9.81 5.71
C ASP A 178 -25.20 8.60 5.46
N ASP A 179 -24.14 8.75 4.67
CA ASP A 179 -23.32 7.60 4.41
C ASP A 179 -21.83 7.78 4.52
N THR A 180 -21.36 8.94 4.94
CA THR A 180 -19.92 9.14 5.05
C THR A 180 -19.25 8.11 5.95
N LEU A 181 -18.09 7.62 5.51
CA LEU A 181 -17.31 6.65 6.26
C LEU A 181 -16.15 7.34 7.01
N ALA A 182 -16.18 8.66 7.09
CA ALA A 182 -15.13 9.40 7.79
C ALA A 182 -15.07 8.93 9.24
N SER A 183 -13.91 9.08 9.87
CA SER A 183 -13.78 8.66 11.26
C SER A 183 -12.95 9.65 12.07
N VAL A 184 -13.24 9.75 13.36
CA VAL A 184 -12.53 10.61 14.28
C VAL A 184 -11.82 9.65 15.23
N VAL A 185 -10.53 9.85 15.44
CA VAL A 185 -9.75 9.02 16.35
C VAL A 185 -9.15 9.94 17.40
N LEU A 186 -9.43 9.66 18.67
CA LEU A 186 -8.88 10.46 19.77
C LEU A 186 -7.64 9.71 20.26
N ILE A 187 -6.47 10.10 19.75
CA ILE A 187 -5.23 9.44 20.13
C ILE A 187 -4.64 10.00 21.42
N ARG A 188 -4.11 9.12 22.26
CA ARG A 188 -3.51 9.55 23.52
C ARG A 188 -2.05 9.15 23.62
N TYR A 189 -1.19 10.13 23.82
CA TYR A 189 0.24 9.87 23.99
C TYR A 189 0.51 10.06 25.48
N PRO A 190 0.75 8.96 26.20
CA PRO A 190 1.01 8.94 27.63
C PRO A 190 2.40 9.36 28.06
N TYR A 191 2.53 9.73 29.33
CA TYR A 191 3.83 10.03 29.90
C TYR A 191 4.14 8.79 30.72
N LEU A 192 5.29 8.18 30.46
CA LEU A 192 5.69 6.97 31.18
C LEU A 192 7.16 7.02 31.61
N ASP A 193 7.41 6.58 32.83
CA ASP A 193 8.73 6.52 33.39
C ASP A 193 8.73 5.31 34.28
N PRO A 194 9.38 4.24 33.84
CA PRO A 194 10.09 4.21 32.55
C PRO A 194 9.12 3.94 31.39
N TYR A 195 9.57 4.29 30.19
CA TYR A 195 8.79 4.11 28.99
C TYR A 195 9.18 2.77 28.36
N PRO A 196 8.18 1.96 28.01
CA PRO A 196 8.38 0.64 27.40
C PRO A 196 9.27 0.77 26.17
N GLU A 197 10.51 0.30 26.27
CA GLU A 197 11.45 0.38 25.17
C GLU A 197 10.83 -0.16 23.89
N ALA A 198 10.00 -1.18 24.03
CA ALA A 198 9.36 -1.79 22.88
C ALA A 198 8.48 -0.82 22.08
N ALA A 199 7.92 0.17 22.76
CA ALA A 199 7.03 1.12 22.10
C ALA A 199 7.78 2.25 21.42
N ILE A 200 9.09 2.12 21.34
CA ILE A 200 9.89 3.16 20.71
C ILE A 200 10.65 2.62 19.51
N LYS A 201 10.21 3.04 18.34
CA LYS A 201 10.83 2.61 17.09
C LYS A 201 11.91 3.60 16.75
N THR A 202 13.06 3.09 16.32
CA THR A 202 14.16 3.94 15.96
C THR A 202 14.39 3.91 14.43
N ALA A 203 14.15 5.06 13.80
CA ALA A 203 14.29 5.18 12.35
C ALA A 203 15.72 4.94 11.94
N ALA A 204 15.91 4.66 10.65
CA ALA A 204 17.24 4.41 10.13
C ALA A 204 18.21 5.57 10.44
N ASP A 205 17.68 6.78 10.50
CA ASP A 205 18.52 7.95 10.78
C ASP A 205 18.66 8.24 12.27
N GLY A 206 18.25 7.29 13.11
CA GLY A 206 18.35 7.47 14.55
C GLY A 206 17.23 8.15 15.34
N THR A 207 16.26 8.75 14.67
CA THR A 207 15.18 9.41 15.39
C THR A 207 14.30 8.40 16.12
N LYS A 208 13.87 8.73 17.32
CA LYS A 208 13.02 7.84 18.09
C LYS A 208 11.62 8.15 17.61
N LEU A 209 10.83 7.13 17.33
CA LEU A 209 9.49 7.31 16.80
C LEU A 209 8.43 6.48 17.47
N SER A 210 7.22 7.02 17.46
CA SER A 210 6.06 6.34 18.01
C SER A 210 5.44 5.61 16.82
N PHE A 211 5.47 6.25 15.65
CA PHE A 211 4.92 5.69 14.42
C PHE A 211 5.84 5.91 13.23
N GLU A 212 6.17 4.82 12.56
CA GLU A 212 7.05 4.80 11.41
C GLU A 212 6.39 5.46 10.21
N TRP A 213 7.20 5.80 9.22
CA TRP A 213 6.72 6.46 8.01
C TRP A 213 5.54 5.76 7.35
N HIS A 214 4.70 6.55 6.68
CA HIS A 214 3.52 6.05 5.98
C HIS A 214 2.79 7.16 5.26
N GLU A 215 1.76 6.76 4.53
CA GLU A 215 0.89 7.67 3.81
C GLU A 215 -0.46 7.31 4.40
N ASP A 216 -1.37 8.27 4.50
CA ASP A 216 -2.67 7.99 5.10
C ASP A 216 -3.65 7.27 4.19
N VAL A 217 -4.52 6.51 4.81
CA VAL A 217 -5.56 5.82 4.11
C VAL A 217 -6.75 6.76 4.33
N SER A 218 -6.91 7.71 3.40
CA SER A 218 -8.00 8.69 3.44
C SER A 218 -7.98 9.52 2.16
N LEU A 219 -9.02 10.33 1.96
CA LEU A 219 -9.06 11.21 0.81
C LEU A 219 -8.15 12.37 1.23
N ILE A 220 -8.39 12.91 2.42
CA ILE A 220 -7.56 13.97 3.02
C ILE A 220 -7.66 13.72 4.53
N THR A 221 -6.66 14.16 5.29
CA THR A 221 -6.67 14.00 6.73
C THR A 221 -6.67 15.40 7.27
N VAL A 222 -7.55 15.63 8.25
CA VAL A 222 -7.76 16.91 8.90
C VAL A 222 -7.47 16.71 10.38
N LEU A 223 -6.28 17.14 10.81
CA LEU A 223 -5.78 16.94 12.17
C LEU A 223 -5.64 18.13 13.09
N TYR A 224 -6.11 17.95 14.34
CA TYR A 224 -5.93 18.97 15.36
C TYR A 224 -5.04 18.33 16.41
N GLN A 225 -3.98 19.04 16.76
CA GLN A 225 -3.02 18.54 17.73
C GLN A 225 -2.52 19.77 18.46
N SER A 226 -2.57 19.75 19.78
CA SER A 226 -2.17 20.93 20.52
C SER A 226 -1.04 20.71 21.51
N ASN A 227 -0.11 21.65 21.52
CA ASN A 227 1.02 21.62 22.45
C ASN A 227 1.99 20.46 22.26
N VAL A 228 2.24 20.07 21.01
CA VAL A 228 3.19 19.00 20.72
C VAL A 228 3.76 19.26 19.36
N GLN A 229 4.98 18.77 19.15
CA GLN A 229 5.69 18.87 17.88
C GLN A 229 6.25 17.46 17.70
N ASN A 230 5.52 16.64 16.94
CA ASN A 230 5.91 15.25 16.74
C ASN A 230 5.90 14.79 15.28
N LEU A 231 5.41 15.61 14.37
CA LEU A 231 5.35 15.25 12.97
C LEU A 231 6.59 15.58 12.16
N GLN A 232 6.87 14.75 11.15
CA GLN A 232 7.98 14.98 10.25
C GLN A 232 7.57 14.56 8.85
N VAL A 233 7.89 15.37 7.85
CA VAL A 233 7.56 15.05 6.46
C VAL A 233 8.84 14.74 5.71
N GLU A 234 8.78 13.73 4.85
CA GLU A 234 9.94 13.40 4.05
C GLU A 234 9.88 14.28 2.83
N THR A 235 10.86 15.15 2.66
CA THR A 235 10.88 16.02 1.49
C THR A 235 12.12 15.66 0.67
N ALA A 236 12.34 16.39 -0.41
CA ALA A 236 13.51 16.14 -1.26
C ALA A 236 14.81 16.44 -0.51
N ALA A 237 14.69 17.02 0.67
CA ALA A 237 15.85 17.33 1.49
C ALA A 237 15.85 16.45 2.72
N GLY A 238 15.07 15.36 2.66
CA GLY A 238 14.96 14.46 3.79
C GLY A 238 13.85 14.90 4.74
N TYR A 239 13.74 14.25 5.89
CA TYR A 239 12.70 14.59 6.86
C TYR A 239 12.91 15.94 7.54
N GLN A 240 11.83 16.72 7.58
CA GLN A 240 11.86 18.04 8.20
C GLN A 240 10.71 18.13 9.16
N ASP A 241 10.93 18.86 10.25
CA ASP A 241 9.92 19.02 11.29
C ASP A 241 8.77 19.94 10.90
N ILE A 242 7.58 19.63 11.39
CA ILE A 242 6.41 20.46 11.15
C ILE A 242 6.14 21.25 12.43
N GLU A 243 6.11 22.58 12.32
CA GLU A 243 5.85 23.45 13.45
C GLU A 243 4.43 23.24 13.98
N ALA A 244 4.27 23.38 15.29
CA ALA A 244 2.95 23.24 15.92
C ALA A 244 2.15 24.52 15.76
N ASP A 245 0.84 24.44 15.99
CA ASP A 245 -0.05 25.59 15.89
C ASP A 245 -1.39 25.24 16.51
N ASP A 246 -1.56 25.53 17.79
CA ASP A 246 -2.81 25.21 18.46
C ASP A 246 -4.06 25.97 18.03
N THR A 247 -3.99 26.74 16.95
CA THR A 247 -5.15 27.49 16.47
C THR A 247 -5.63 27.00 15.10
N GLY A 248 -4.84 26.14 14.45
CA GLY A 248 -5.20 25.66 13.14
C GLY A 248 -5.32 24.15 13.01
N TYR A 249 -5.82 23.71 11.86
CA TYR A 249 -5.98 22.30 11.58
C TYR A 249 -4.96 21.94 10.50
N LEU A 250 -4.11 20.97 10.80
CA LEU A 250 -3.11 20.51 9.84
C LEU A 250 -3.80 19.61 8.81
N ILE A 251 -3.76 20.02 7.55
CA ILE A 251 -4.37 19.25 6.46
C ILE A 251 -3.35 18.58 5.50
N ASN A 252 -3.60 17.32 5.14
CA ASN A 252 -2.77 16.58 4.19
C ASN A 252 -3.61 15.57 3.42
N CYS A 253 -3.09 15.11 2.29
CA CYS A 253 -3.79 14.16 1.43
C CYS A 253 -3.52 12.71 1.80
N GLY A 254 -4.49 11.86 1.51
CA GLY A 254 -4.35 10.45 1.78
C GLY A 254 -4.02 9.79 0.46
N SER A 255 -3.85 8.49 0.43
CA SER A 255 -3.51 7.85 -0.83
C SER A 255 -4.64 7.89 -1.86
N TYR A 256 -5.89 8.04 -1.42
CA TYR A 256 -6.97 8.06 -2.41
C TYR A 256 -6.86 9.27 -3.34
N MET A 257 -6.46 10.42 -2.79
CA MET A 257 -6.29 11.63 -3.60
C MET A 257 -5.18 11.37 -4.62
N ALA A 258 -4.13 10.69 -4.19
CA ALA A 258 -3.02 10.38 -5.09
C ALA A 258 -3.47 9.49 -6.25
N HIS A 259 -4.27 8.47 -5.94
CA HIS A 259 -4.77 7.56 -6.97
C HIS A 259 -5.68 8.30 -7.94
N LEU A 260 -6.46 9.23 -7.42
CA LEU A 260 -7.39 10.01 -8.23
C LEU A 260 -6.69 10.98 -9.17
N THR A 261 -5.72 11.71 -8.63
CA THR A 261 -4.98 12.69 -9.40
C THR A 261 -3.78 12.11 -10.10
N ASN A 262 -3.75 10.79 -10.21
CA ASN A 262 -2.64 10.08 -10.86
C ASN A 262 -1.30 10.57 -10.28
N ASN A 263 -1.31 10.91 -8.99
CA ASN A 263 -0.14 11.36 -8.27
C ASN A 263 0.31 12.80 -8.42
N TYR A 264 -0.54 13.63 -9.00
CA TYR A 264 -0.24 15.05 -9.16
C TYR A 264 -0.23 15.64 -7.74
N TYR A 265 -1.08 15.08 -6.87
CA TYR A 265 -1.15 15.46 -5.45
C TYR A 265 -0.74 14.18 -4.73
N LYS A 266 0.54 14.09 -4.39
CA LYS A 266 1.08 12.92 -3.72
C LYS A 266 0.64 12.84 -2.28
N ALA A 267 0.46 11.63 -1.77
CA ALA A 267 0.09 11.46 -0.37
C ALA A 267 1.44 11.63 0.34
N PRO A 268 1.57 12.65 1.21
CA PRO A 268 2.83 12.90 1.94
C PRO A 268 3.29 11.74 2.81
N ILE A 269 4.58 11.41 2.74
CA ILE A 269 5.17 10.36 3.58
C ILE A 269 5.52 11.08 4.88
N HIS A 270 4.99 10.61 5.99
CA HIS A 270 5.27 11.27 7.26
C HIS A 270 5.40 10.27 8.38
N ARG A 271 6.10 10.66 9.43
CA ARG A 271 6.31 9.79 10.60
C ARG A 271 6.10 10.59 11.88
N VAL A 272 5.95 9.89 12.99
CA VAL A 272 5.71 10.56 14.26
C VAL A 272 6.82 10.33 15.27
N LYS A 273 7.48 11.41 15.66
CA LYS A 273 8.58 11.41 16.64
C LYS A 273 8.09 11.01 18.04
N TRP A 274 8.96 10.34 18.78
CA TRP A 274 8.66 9.91 20.14
C TRP A 274 8.79 11.10 21.07
N VAL A 275 7.72 11.40 21.79
CA VAL A 275 7.67 12.49 22.74
C VAL A 275 7.12 11.92 24.02
N ASN A 276 7.94 11.82 25.06
CA ASN A 276 7.44 11.25 26.31
C ASN A 276 6.73 12.29 27.15
N ALA A 277 5.48 12.56 26.82
CA ALA A 277 4.67 13.53 27.54
C ALA A 277 3.22 13.28 27.24
N GLU A 278 2.36 13.67 28.17
CA GLU A 278 0.93 13.49 28.01
C GLU A 278 0.39 14.50 27.02
N ARG A 279 0.16 14.04 25.81
CA ARG A 279 -0.38 14.86 24.78
C ARG A 279 -1.43 14.02 24.08
N GLN A 280 -2.20 14.66 23.21
CA GLN A 280 -3.26 14.00 22.48
C GLN A 280 -3.26 14.54 21.08
N SER A 281 -3.82 13.75 20.16
CA SER A 281 -3.90 14.11 18.76
C SER A 281 -5.29 13.70 18.32
N LEU A 282 -5.94 14.51 17.49
CA LEU A 282 -7.29 14.19 17.01
C LEU A 282 -7.43 14.32 15.50
N PRO A 283 -7.14 13.24 14.77
CA PRO A 283 -7.25 13.26 13.31
C PRO A 283 -8.64 12.89 12.86
N PHE A 284 -9.11 13.57 11.83
CA PHE A 284 -10.41 13.29 11.26
C PHE A 284 -10.05 12.80 9.87
N PHE A 285 -10.42 11.57 9.57
CA PHE A 285 -10.11 11.00 8.27
C PHE A 285 -11.28 11.16 7.32
N VAL A 286 -11.11 11.98 6.30
CA VAL A 286 -12.17 12.22 5.33
C VAL A 286 -12.30 11.05 4.36
N ASN A 287 -13.34 10.27 4.53
CA ASN A 287 -13.61 9.12 3.69
C ASN A 287 -14.94 9.43 3.04
N LEU A 288 -15.14 8.98 1.81
CA LEU A 288 -16.39 9.22 1.11
C LEU A 288 -17.38 8.12 1.43
N GLY A 289 -18.37 7.92 0.58
CA GLY A 289 -19.37 6.90 0.83
C GLY A 289 -18.88 5.57 0.30
N TYR A 290 -19.50 4.49 0.72
CA TYR A 290 -19.09 3.16 0.31
C TYR A 290 -19.13 2.95 -1.20
N ASP A 291 -20.18 3.48 -1.83
CA ASP A 291 -20.36 3.33 -3.26
C ASP A 291 -19.77 4.44 -4.11
N SER A 292 -19.11 5.41 -3.50
CA SER A 292 -18.53 6.52 -4.24
C SER A 292 -17.39 6.16 -5.18
N VAL A 293 -17.59 6.48 -6.45
CA VAL A 293 -16.59 6.22 -7.47
C VAL A 293 -16.28 7.53 -8.16
N ILE A 294 -15.02 7.90 -8.16
CA ILE A 294 -14.55 9.12 -8.79
C ILE A 294 -13.58 8.70 -9.90
N ASP A 295 -13.73 9.31 -11.06
CA ASP A 295 -12.89 8.99 -12.20
C ASP A 295 -11.55 9.63 -12.11
N PRO A 296 -10.49 8.81 -12.09
CA PRO A 296 -9.11 9.30 -12.01
C PRO A 296 -8.78 10.19 -13.21
N PHE A 297 -7.92 11.16 -12.99
CA PHE A 297 -7.51 12.06 -14.04
C PHE A 297 -6.09 12.53 -13.79
N ASP A 298 -5.42 13.00 -14.82
CA ASP A 298 -4.07 13.50 -14.66
C ASP A 298 -4.03 14.93 -15.14
N PRO A 299 -3.94 15.88 -14.19
CA PRO A 299 -3.90 17.30 -14.51
C PRO A 299 -2.71 17.65 -15.39
N ARG A 300 -1.83 16.68 -15.64
CA ARG A 300 -0.64 16.88 -16.46
C ARG A 300 -0.85 16.50 -17.93
N GLU A 301 -2.04 15.97 -18.24
CA GLU A 301 -2.35 15.61 -19.61
C GLU A 301 -3.44 16.47 -20.20
N PRO A 302 -3.32 16.83 -21.50
CA PRO A 302 -4.30 17.66 -22.20
C PRO A 302 -5.73 17.10 -22.10
N ASN A 303 -5.91 15.82 -22.42
CA ASN A 303 -7.22 15.20 -22.31
C ASN A 303 -7.55 15.01 -20.84
N GLY A 304 -6.50 14.86 -20.04
CA GLY A 304 -6.66 14.65 -18.62
C GLY A 304 -7.07 13.22 -18.42
N LYS A 305 -6.67 12.35 -19.34
CA LYS A 305 -7.00 10.94 -19.27
C LYS A 305 -5.94 10.26 -18.43
N SER A 306 -6.35 9.24 -17.69
CA SER A 306 -5.41 8.52 -16.84
C SER A 306 -5.36 7.07 -17.22
N ASP A 307 -4.34 6.40 -16.72
CA ASP A 307 -4.17 4.97 -16.96
C ASP A 307 -4.91 4.25 -15.83
N ARG A 308 -4.80 4.80 -14.63
CA ARG A 308 -5.42 4.24 -13.43
C ARG A 308 -6.90 4.06 -13.65
N GLU A 309 -7.44 2.97 -13.10
CA GLU A 309 -8.85 2.66 -13.23
C GLU A 309 -9.60 3.21 -12.02
N PRO A 310 -10.91 3.51 -12.20
CA PRO A 310 -11.73 4.03 -11.09
C PRO A 310 -11.77 2.99 -9.97
N LEU A 311 -11.74 3.49 -8.74
CA LEU A 311 -11.75 2.66 -7.55
C LEU A 311 -12.86 3.16 -6.64
N SER A 312 -13.83 2.30 -6.33
CA SER A 312 -14.91 2.71 -5.45
C SER A 312 -14.28 2.88 -4.07
N TYR A 313 -14.70 3.91 -3.35
CA TYR A 313 -14.12 4.20 -2.05
C TYR A 313 -14.20 3.06 -1.06
N GLY A 314 -15.32 2.32 -1.09
CA GLY A 314 -15.49 1.22 -0.18
C GLY A 314 -14.43 0.14 -0.36
N ASP A 315 -14.04 -0.11 -1.62
CA ASP A 315 -13.03 -1.12 -1.92
C ASP A 315 -11.70 -0.56 -1.48
N TYR A 316 -11.47 0.70 -1.79
CA TYR A 316 -10.24 1.37 -1.40
C TYR A 316 -10.05 1.23 0.11
N LEU A 317 -11.05 1.67 0.86
CA LEU A 317 -11.01 1.64 2.31
C LEU A 317 -10.91 0.26 2.93
N GLN A 318 -11.69 -0.69 2.43
CA GLN A 318 -11.64 -2.03 2.99
C GLN A 318 -10.24 -2.56 2.92
N ASN A 319 -9.65 -2.47 1.73
CA ASN A 319 -8.30 -2.98 1.51
C ASN A 319 -7.23 -2.18 2.24
N GLY A 320 -7.38 -0.86 2.22
CA GLY A 320 -6.42 -0.01 2.89
C GLY A 320 -6.39 -0.29 4.38
N LEU A 321 -7.55 -0.55 4.97
CA LEU A 321 -7.60 -0.82 6.39
C LEU A 321 -7.02 -2.17 6.75
N VAL A 322 -7.29 -3.19 5.95
CA VAL A 322 -6.76 -4.53 6.23
C VAL A 322 -5.23 -4.58 6.13
N SER A 323 -4.63 -3.69 5.37
CA SER A 323 -3.19 -3.70 5.23
C SER A 323 -2.55 -3.32 6.55
N LEU A 324 -3.22 -2.44 7.30
CA LEU A 324 -2.66 -1.98 8.57
C LEU A 324 -2.92 -2.92 9.74
N ILE A 325 -2.18 -2.70 10.82
CA ILE A 325 -2.30 -3.50 12.03
C ILE A 325 -3.57 -3.09 12.76
N ASN A 326 -4.48 -4.04 12.92
CA ASN A 326 -5.76 -3.79 13.59
C ASN A 326 -5.60 -3.23 14.99
N LYS A 327 -4.62 -3.73 15.74
CA LYS A 327 -4.41 -3.26 17.11
C LYS A 327 -4.06 -1.78 17.19
N ASN A 328 -3.24 -1.30 16.26
CA ASN A 328 -2.84 0.11 16.27
C ASN A 328 -3.83 1.09 15.64
N GLY A 329 -4.35 0.73 14.47
CA GLY A 329 -5.30 1.57 13.77
C GLY A 329 -4.74 2.91 13.31
N GLN A 330 -5.67 3.82 13.03
CA GLN A 330 -5.52 5.20 12.55
C GLN A 330 -6.30 5.12 11.24
N THR A 331 -7.54 5.60 11.32
CA THR A 331 -8.57 5.63 10.28
C THR A 331 -9.83 4.94 10.86
N VAL B 4 27.13 3.42 1.63
CA VAL B 4 25.97 2.49 1.41
C VAL B 4 26.53 1.09 1.54
N SER B 5 25.88 0.25 2.33
CA SER B 5 26.37 -1.11 2.55
C SER B 5 25.60 -2.18 1.78
N LYS B 6 26.18 -3.38 1.74
CA LYS B 6 25.56 -4.52 1.07
C LYS B 6 24.54 -5.17 1.99
N ALA B 7 23.36 -5.46 1.46
CA ALA B 7 22.34 -6.10 2.25
C ALA B 7 22.73 -7.57 2.43
N ASN B 8 22.38 -8.12 3.59
CA ASN B 8 22.70 -9.50 3.88
C ASN B 8 21.69 -10.35 3.15
N VAL B 9 22.12 -10.90 2.01
CA VAL B 9 21.26 -11.75 1.21
C VAL B 9 21.97 -13.07 1.00
N PRO B 10 21.64 -14.07 1.83
CA PRO B 10 22.23 -15.40 1.78
C PRO B 10 21.90 -16.18 0.54
N LYS B 11 22.76 -17.15 0.23
CA LYS B 11 22.59 -18.03 -0.90
C LYS B 11 22.20 -19.38 -0.32
N ILE B 12 20.93 -19.73 -0.43
CA ILE B 12 20.43 -20.99 0.08
C ILE B 12 20.36 -22.02 -1.02
N ASP B 13 20.93 -23.19 -0.76
CA ASP B 13 20.90 -24.27 -1.71
C ASP B 13 19.50 -24.82 -1.58
N VAL B 14 18.69 -24.56 -2.60
CA VAL B 14 17.30 -24.97 -2.62
C VAL B 14 17.03 -26.44 -3.00
N SER B 15 17.98 -27.09 -3.66
CA SER B 15 17.81 -28.47 -4.09
C SER B 15 17.13 -29.45 -3.12
N PRO B 16 17.37 -29.32 -1.80
CA PRO B 16 16.72 -30.28 -0.90
C PRO B 16 15.21 -30.28 -1.02
N LEU B 17 14.65 -29.11 -1.34
CA LEU B 17 13.20 -28.94 -1.48
C LEU B 17 12.58 -29.76 -2.59
N PHE B 18 13.41 -30.24 -3.51
CA PHE B 18 12.96 -31.08 -4.61
C PHE B 18 13.01 -32.56 -4.18
N GLY B 19 13.64 -32.84 -3.03
CA GLY B 19 13.76 -34.21 -2.57
C GLY B 19 12.82 -34.67 -1.46
N ASP B 20 13.01 -35.90 -1.00
CA ASP B 20 12.17 -36.49 0.06
C ASP B 20 12.80 -36.48 1.45
N ASP B 21 14.02 -35.96 1.57
CA ASP B 21 14.71 -35.90 2.85
C ASP B 21 14.11 -34.82 3.75
N GLN B 22 13.11 -35.20 4.54
CA GLN B 22 12.45 -34.28 5.45
C GLN B 22 13.45 -33.50 6.28
N ALA B 23 14.50 -34.18 6.71
CA ALA B 23 15.55 -33.56 7.53
C ALA B 23 16.25 -32.44 6.79
N ALA B 24 16.68 -32.71 5.57
CA ALA B 24 17.36 -31.68 4.77
C ALA B 24 16.41 -30.52 4.49
N LYS B 25 15.16 -30.84 4.15
CA LYS B 25 14.18 -29.81 3.88
C LYS B 25 14.09 -28.83 5.05
N MET B 26 13.86 -29.35 6.25
CA MET B 26 13.75 -28.54 7.47
C MET B 26 14.93 -27.58 7.64
N ARG B 27 16.12 -28.04 7.27
CA ARG B 27 17.32 -27.21 7.36
C ARG B 27 17.18 -26.02 6.44
N VAL B 28 16.67 -26.25 5.22
CA VAL B 28 16.50 -25.14 4.28
C VAL B 28 15.40 -24.22 4.79
N ALA B 29 14.32 -24.80 5.31
CA ALA B 29 13.22 -24.03 5.85
C ALA B 29 13.76 -23.12 6.96
N GLN B 30 14.73 -23.61 7.71
CA GLN B 30 15.32 -22.82 8.77
C GLN B 30 16.06 -21.62 8.20
N GLN B 31 16.77 -21.85 7.09
CA GLN B 31 17.53 -20.78 6.43
C GLN B 31 16.60 -19.77 5.73
N ILE B 32 15.50 -20.25 5.18
CA ILE B 32 14.54 -19.39 4.52
C ILE B 32 13.94 -18.50 5.60
N ASP B 33 13.41 -19.11 6.66
CA ASP B 33 12.81 -18.38 7.76
C ASP B 33 13.69 -17.23 8.25
N ALA B 34 14.97 -17.52 8.42
CA ALA B 34 15.92 -16.52 8.89
C ALA B 34 16.12 -15.36 7.92
N ALA B 35 16.11 -15.64 6.62
CA ALA B 35 16.30 -14.58 5.63
C ALA B 35 15.04 -13.73 5.58
N SER B 36 13.89 -14.41 5.63
CA SER B 36 12.59 -13.76 5.59
C SER B 36 12.39 -12.79 6.74
N ARG B 37 13.01 -13.07 7.88
CA ARG B 37 12.87 -12.21 9.04
C ARG B 37 13.98 -11.17 9.19
N ASP B 38 14.91 -11.17 8.25
CA ASP B 38 16.02 -10.22 8.26
C ASP B 38 15.78 -9.21 7.14
N THR B 39 16.31 -9.45 5.95
CA THR B 39 16.15 -8.56 4.81
C THR B 39 14.90 -8.88 4.02
N GLY B 40 14.47 -10.14 4.10
CA GLY B 40 13.29 -10.56 3.37
C GLY B 40 13.66 -10.98 1.96
N PHE B 41 14.96 -11.04 1.69
CA PHE B 41 15.48 -11.43 0.38
C PHE B 41 16.50 -12.54 0.58
N PHE B 42 16.52 -13.51 -0.34
CA PHE B 42 17.48 -14.61 -0.28
C PHE B 42 17.63 -15.20 -1.68
N TYR B 43 18.84 -15.67 -1.99
CA TYR B 43 19.10 -16.27 -3.29
C TYR B 43 18.86 -17.75 -3.23
N ALA B 44 18.21 -18.27 -4.27
CA ALA B 44 17.95 -19.68 -4.38
C ALA B 44 19.00 -20.16 -5.39
N VAL B 45 19.90 -21.01 -4.94
CA VAL B 45 20.97 -21.52 -5.77
C VAL B 45 20.74 -23.02 -5.91
N ASN B 46 21.19 -23.59 -7.03
CA ASN B 46 21.00 -25.03 -7.32
C ASN B 46 19.54 -25.38 -7.58
N HIS B 47 18.89 -24.45 -8.27
CA HIS B 47 17.49 -24.54 -8.65
C HIS B 47 17.25 -25.41 -9.88
N GLY B 48 18.34 -25.82 -10.54
CA GLY B 48 18.23 -26.66 -11.74
C GLY B 48 17.52 -26.09 -12.97
N ILE B 49 17.65 -24.79 -13.20
CA ILE B 49 17.02 -24.17 -14.36
C ILE B 49 18.11 -23.63 -15.25
N ASN B 50 18.04 -23.94 -16.54
CA ASN B 50 19.02 -23.47 -17.52
C ASN B 50 18.85 -21.97 -17.73
N VAL B 51 19.32 -21.23 -16.74
CA VAL B 51 19.23 -19.78 -16.72
C VAL B 51 20.01 -19.11 -17.84
N GLN B 52 20.95 -19.84 -18.45
CA GLN B 52 21.79 -19.34 -19.55
C GLN B 52 20.99 -19.20 -20.86
N ARG B 53 20.17 -20.21 -21.17
CA ARG B 53 19.32 -20.20 -22.35
C ARG B 53 18.26 -19.11 -22.19
N LEU B 54 17.70 -19.03 -20.98
CA LEU B 54 16.68 -18.06 -20.64
C LEU B 54 17.12 -16.66 -20.99
N SER B 55 18.30 -16.25 -20.53
CA SER B 55 18.78 -14.90 -20.82
C SER B 55 19.04 -14.73 -22.30
N GLN B 56 19.60 -15.75 -22.90
CA GLN B 56 19.91 -15.74 -24.32
C GLN B 56 18.65 -15.48 -25.16
N LYS B 57 17.65 -16.34 -25.00
CA LYS B 57 16.40 -16.24 -25.75
C LYS B 57 15.60 -14.99 -25.48
N THR B 58 15.79 -14.41 -24.31
CA THR B 58 15.09 -13.20 -23.94
C THR B 58 15.74 -11.99 -24.58
N LYS B 59 17.07 -11.97 -24.62
CA LYS B 59 17.79 -10.85 -25.23
C LYS B 59 17.45 -10.84 -26.71
N GLU B 60 17.44 -12.04 -27.30
CA GLU B 60 17.12 -12.21 -28.71
C GLU B 60 15.74 -11.62 -29.00
N PHE B 61 14.75 -12.01 -28.20
CA PHE B 61 13.39 -11.53 -28.36
C PHE B 61 13.31 -10.02 -28.28
N HIS B 62 13.88 -9.42 -27.25
CA HIS B 62 13.83 -7.96 -27.11
C HIS B 62 14.53 -7.17 -28.19
N MET B 63 15.62 -7.74 -28.70
CA MET B 63 16.40 -7.09 -29.73
C MET B 63 15.85 -7.23 -31.15
N SER B 64 15.14 -8.33 -31.41
CA SER B 64 14.62 -8.61 -32.73
C SER B 64 13.18 -8.25 -33.01
N ILE B 65 12.38 -8.05 -31.96
CA ILE B 65 10.98 -7.70 -32.16
C ILE B 65 10.90 -6.32 -32.85
N THR B 66 10.06 -6.23 -33.88
CA THR B 66 9.93 -5.00 -34.64
C THR B 66 8.86 -4.11 -34.06
N PRO B 67 8.96 -2.80 -34.31
CA PRO B 67 7.98 -1.84 -33.81
C PRO B 67 6.54 -2.20 -34.18
N GLU B 68 6.36 -2.68 -35.39
CA GLU B 68 5.05 -3.09 -35.87
C GLU B 68 4.47 -4.15 -34.92
N GLU B 69 5.27 -5.16 -34.56
CA GLU B 69 4.82 -6.25 -33.67
C GLU B 69 4.54 -5.79 -32.25
N LYS B 70 5.42 -4.95 -31.72
CA LYS B 70 5.24 -4.41 -30.38
C LYS B 70 3.85 -3.77 -30.32
N TRP B 71 3.51 -3.04 -31.37
CA TRP B 71 2.23 -2.38 -31.45
C TRP B 71 1.07 -3.38 -31.57
N ASP B 72 1.28 -4.47 -32.30
CA ASP B 72 0.23 -5.45 -32.45
C ASP B 72 0.00 -6.29 -31.20
N LEU B 73 0.98 -6.30 -30.32
CA LEU B 73 0.89 -7.06 -29.07
C LEU B 73 0.65 -6.15 -27.86
N ALA B 74 0.77 -4.84 -28.06
CA ALA B 74 0.59 -3.86 -26.99
C ALA B 74 -0.71 -4.04 -26.24
N ILE B 75 -0.66 -3.88 -24.92
CA ILE B 75 -1.85 -4.00 -24.10
C ILE B 75 -2.74 -2.79 -24.30
N ARG B 76 -3.95 -2.87 -23.76
CA ARG B 76 -4.95 -1.80 -23.82
C ARG B 76 -4.41 -0.41 -23.46
N ALA B 77 -3.57 -0.35 -22.44
CA ALA B 77 -3.00 0.93 -22.02
C ALA B 77 -2.25 1.63 -23.14
N TYR B 78 -1.74 0.85 -24.09
CA TYR B 78 -0.98 1.42 -25.19
C TYR B 78 -1.78 1.45 -26.48
N ASN B 79 -2.40 0.33 -26.81
CA ASN B 79 -3.19 0.27 -28.03
C ASN B 79 -4.64 0.12 -27.66
N LYS B 80 -5.39 1.22 -27.77
CA LYS B 80 -6.81 1.26 -27.45
C LYS B 80 -7.60 0.12 -28.07
N GLU B 81 -7.20 -0.31 -29.25
CA GLU B 81 -7.87 -1.39 -29.98
C GLU B 81 -8.04 -2.63 -29.14
N HIS B 82 -6.99 -3.02 -28.41
CA HIS B 82 -7.03 -4.24 -27.61
C HIS B 82 -7.71 -4.09 -26.26
N GLN B 83 -9.03 -4.06 -26.27
CA GLN B 83 -9.78 -3.92 -25.02
C GLN B 83 -9.65 -5.12 -24.12
N ASP B 84 -9.48 -6.29 -24.70
CA ASP B 84 -9.36 -7.51 -23.93
C ASP B 84 -7.95 -7.83 -23.45
N GLN B 85 -7.03 -6.88 -23.54
CA GLN B 85 -5.66 -7.12 -23.09
C GLN B 85 -5.30 -6.15 -22.00
N VAL B 86 -5.35 -6.59 -20.75
CA VAL B 86 -5.00 -5.70 -19.65
C VAL B 86 -3.62 -5.98 -19.06
N ARG B 87 -3.35 -7.27 -18.83
CA ARG B 87 -2.08 -7.74 -18.25
C ARG B 87 -1.12 -8.32 -19.30
N ALA B 88 -1.61 -9.29 -20.08
CA ALA B 88 -0.83 -9.97 -21.11
C ALA B 88 -0.60 -9.15 -22.39
N GLY B 89 0.66 -9.04 -22.80
CA GLY B 89 0.97 -8.31 -24.01
C GLY B 89 2.26 -7.53 -23.88
N TYR B 90 2.46 -6.57 -24.78
CA TYR B 90 3.68 -5.76 -24.78
C TYR B 90 3.44 -4.39 -24.14
N TYR B 91 4.42 -3.98 -23.34
CA TYR B 91 4.39 -2.69 -22.65
C TYR B 91 5.46 -1.87 -23.35
N LEU B 92 5.02 -0.99 -24.24
CA LEU B 92 5.94 -0.16 -25.02
C LEU B 92 6.63 0.92 -24.21
N SER B 93 7.63 1.54 -24.83
CA SER B 93 8.36 2.63 -24.21
C SER B 93 7.70 3.87 -24.81
N ILE B 94 7.60 4.94 -24.04
CA ILE B 94 7.01 6.19 -24.52
C ILE B 94 8.17 7.17 -24.65
N PRO B 95 8.55 7.52 -25.88
CA PRO B 95 9.66 8.45 -26.11
C PRO B 95 9.70 9.63 -25.15
N GLY B 96 10.84 9.80 -24.47
CA GLY B 96 11.00 10.89 -23.53
C GLY B 96 10.33 10.67 -22.18
N LYS B 97 9.32 9.82 -22.14
CA LYS B 97 8.60 9.57 -20.89
C LYS B 97 8.95 8.23 -20.23
N LYS B 98 9.06 7.17 -21.03
CA LYS B 98 9.32 5.82 -20.52
C LYS B 98 10.40 5.14 -21.32
N ALA B 99 11.44 4.65 -20.66
CA ALA B 99 12.55 3.96 -21.31
C ALA B 99 12.49 2.43 -21.29
N VAL B 100 11.82 1.89 -20.28
CA VAL B 100 11.68 0.45 -20.11
C VAL B 100 10.56 -0.15 -20.95
N GLU B 101 10.76 -1.39 -21.40
CA GLU B 101 9.77 -2.11 -22.18
C GLU B 101 9.67 -3.47 -21.53
N SER B 102 8.55 -4.14 -21.70
CA SER B 102 8.44 -5.47 -21.16
C SER B 102 7.33 -6.27 -21.79
N PHE B 103 7.46 -7.59 -21.71
CA PHE B 103 6.47 -8.48 -22.27
C PHE B 103 5.99 -9.37 -21.14
N CYS B 104 4.69 -9.34 -20.88
CA CYS B 104 4.08 -10.13 -19.81
C CYS B 104 3.16 -11.19 -20.37
N TYR B 105 3.22 -12.38 -19.79
CA TYR B 105 2.36 -13.47 -20.20
C TYR B 105 1.92 -14.23 -18.96
N LEU B 106 0.76 -14.85 -19.07
CA LEU B 106 0.11 -15.59 -18.00
C LEU B 106 0.14 -17.11 -18.19
N ASN B 107 -0.61 -17.79 -17.35
CA ASN B 107 -0.73 -19.23 -17.34
C ASN B 107 -1.06 -19.74 -18.74
N PRO B 108 -0.22 -20.64 -19.30
CA PRO B 108 -0.44 -21.20 -20.64
C PRO B 108 -1.77 -21.92 -20.81
N ASN B 109 -2.32 -22.41 -19.70
CA ASN B 109 -3.59 -23.12 -19.75
C ASN B 109 -4.80 -22.20 -19.91
N PHE B 110 -4.57 -20.89 -19.92
CA PHE B 110 -5.68 -19.96 -20.08
C PHE B 110 -6.03 -19.80 -21.53
N THR B 111 -6.78 -20.77 -22.03
CA THR B 111 -7.24 -20.77 -23.42
C THR B 111 -8.72 -20.39 -23.43
N PRO B 112 -9.27 -20.12 -24.62
CA PRO B 112 -10.68 -19.76 -24.74
C PRO B 112 -11.62 -20.85 -24.26
N ASP B 113 -11.12 -22.08 -24.18
CA ASP B 113 -11.92 -23.22 -23.71
C ASP B 113 -11.95 -23.26 -22.20
N HIS B 114 -11.03 -22.55 -21.57
CA HIS B 114 -10.94 -22.50 -20.12
C HIS B 114 -12.17 -21.83 -19.54
N PRO B 115 -12.79 -22.48 -18.56
CA PRO B 115 -14.00 -21.97 -17.89
C PRO B 115 -13.86 -20.54 -17.40
N ARG B 116 -12.72 -20.23 -16.78
CA ARG B 116 -12.45 -18.88 -16.27
C ARG B 116 -12.51 -17.84 -17.36
N ILE B 117 -11.97 -18.19 -18.53
CA ILE B 117 -11.93 -17.29 -19.68
C ILE B 117 -13.34 -17.19 -20.23
N GLN B 118 -14.02 -18.34 -20.30
CA GLN B 118 -15.38 -18.37 -20.78
C GLN B 118 -16.29 -17.50 -19.92
N ALA B 119 -16.09 -17.57 -18.62
CA ALA B 119 -16.90 -16.81 -17.67
C ALA B 119 -16.42 -15.37 -17.48
N LYS B 120 -15.40 -14.98 -18.23
CA LYS B 120 -14.84 -13.65 -18.15
C LYS B 120 -14.53 -13.16 -16.74
N THR B 121 -13.92 -14.03 -15.94
CA THR B 121 -13.55 -13.70 -14.58
C THR B 121 -12.37 -12.74 -14.66
N PRO B 122 -12.38 -11.66 -13.87
CA PRO B 122 -11.26 -10.70 -13.92
C PRO B 122 -9.93 -11.37 -13.70
N THR B 123 -8.86 -10.66 -14.07
CA THR B 123 -7.46 -11.08 -13.96
C THR B 123 -7.06 -12.22 -14.86
N HIS B 124 -8.03 -12.91 -15.44
CA HIS B 124 -7.71 -14.04 -16.33
C HIS B 124 -7.74 -13.47 -17.73
N GLU B 125 -6.74 -13.84 -18.53
CA GLU B 125 -6.62 -13.38 -19.92
C GLU B 125 -5.99 -14.48 -20.71
N VAL B 126 -6.03 -14.34 -22.03
CA VAL B 126 -5.43 -15.31 -22.94
C VAL B 126 -4.19 -14.62 -23.53
N ASN B 127 -3.05 -15.31 -23.44
CA ASN B 127 -1.76 -14.81 -23.91
C ASN B 127 -1.71 -14.50 -25.39
N VAL B 128 -1.03 -13.40 -25.74
CA VAL B 128 -0.83 -13.02 -27.14
C VAL B 128 0.65 -13.31 -27.42
N TRP B 129 0.95 -13.85 -28.59
CA TRP B 129 2.34 -14.17 -28.95
C TRP B 129 2.73 -13.62 -30.30
N PRO B 130 4.03 -13.38 -30.50
CA PRO B 130 4.50 -12.84 -31.78
C PRO B 130 4.45 -13.90 -32.87
N ASP B 131 4.53 -13.44 -34.12
CA ASP B 131 4.49 -14.34 -35.26
C ASP B 131 5.68 -15.30 -35.27
N GLU B 132 5.38 -16.58 -35.51
CA GLU B 132 6.39 -17.63 -35.58
C GLU B 132 7.45 -17.41 -36.65
N THR B 133 7.06 -16.82 -37.78
CA THR B 133 8.01 -16.57 -38.86
C THR B 133 9.11 -15.61 -38.41
N LYS B 134 8.75 -14.65 -37.56
CA LYS B 134 9.71 -13.68 -37.06
C LYS B 134 10.32 -14.07 -35.74
N HIS B 135 9.72 -15.02 -35.03
CA HIS B 135 10.24 -15.45 -33.75
C HIS B 135 9.97 -16.94 -33.57
N PRO B 136 10.56 -17.78 -34.43
CA PRO B 136 10.35 -19.22 -34.34
C PRO B 136 10.68 -19.81 -32.98
N GLY B 137 9.79 -20.69 -32.52
CA GLY B 137 9.96 -21.37 -31.24
C GLY B 137 9.92 -20.54 -29.98
N PHE B 138 9.79 -19.22 -30.09
CA PHE B 138 9.74 -18.36 -28.92
C PHE B 138 8.66 -18.79 -27.95
N GLN B 139 7.43 -18.91 -28.45
CA GLN B 139 6.30 -19.32 -27.65
C GLN B 139 6.56 -20.61 -26.89
N ASP B 140 7.05 -21.62 -27.60
CA ASP B 140 7.33 -22.92 -27.01
C ASP B 140 8.36 -22.82 -25.91
N PHE B 141 9.33 -21.93 -26.09
CA PHE B 141 10.37 -21.71 -25.10
C PHE B 141 9.76 -21.03 -23.88
N ALA B 142 9.00 -19.96 -24.15
CA ALA B 142 8.36 -19.16 -23.13
C ALA B 142 7.37 -19.93 -22.27
N GLU B 143 6.59 -20.80 -22.88
CA GLU B 143 5.60 -21.59 -22.16
C GLU B 143 6.29 -22.67 -21.34
N GLN B 144 7.38 -23.24 -21.86
CA GLN B 144 8.10 -24.28 -21.13
C GLN B 144 8.76 -23.66 -19.91
N TYR B 145 9.36 -22.48 -20.09
CA TYR B 145 9.98 -21.79 -18.98
C TYR B 145 8.96 -21.57 -17.86
N TYR B 146 7.75 -21.12 -18.23
CA TYR B 146 6.68 -20.89 -17.25
C TYR B 146 6.56 -22.10 -16.35
N TRP B 147 6.51 -23.27 -16.95
CA TRP B 147 6.40 -24.49 -16.17
C TRP B 147 7.68 -24.81 -15.39
N ASP B 148 8.82 -24.33 -15.86
CA ASP B 148 10.07 -24.54 -15.14
C ASP B 148 10.06 -23.74 -13.84
N VAL B 149 9.78 -22.44 -13.92
CA VAL B 149 9.70 -21.61 -12.71
C VAL B 149 8.55 -22.10 -11.84
N PHE B 150 7.45 -22.53 -12.46
CA PHE B 150 6.31 -23.05 -11.70
C PHE B 150 6.85 -24.19 -10.84
N GLY B 151 7.69 -25.01 -11.44
CA GLY B 151 8.31 -26.12 -10.72
C GLY B 151 9.14 -25.64 -9.54
N LEU B 152 10.08 -24.74 -9.78
CA LEU B 152 10.92 -24.20 -8.70
C LEU B 152 10.09 -23.54 -7.59
N SER B 153 9.22 -22.60 -7.96
CA SER B 153 8.36 -21.91 -7.01
C SER B 153 7.56 -22.90 -6.15
N SER B 154 7.05 -23.95 -6.78
CA SER B 154 6.28 -24.96 -6.06
C SER B 154 7.17 -25.59 -4.99
N ALA B 155 8.47 -25.71 -5.29
CA ALA B 155 9.42 -26.28 -4.35
C ALA B 155 9.71 -25.26 -3.25
N LEU B 156 9.77 -23.98 -3.63
CA LEU B 156 10.04 -22.93 -2.65
C LEU B 156 8.88 -22.77 -1.66
N LEU B 157 7.65 -22.94 -2.14
CA LEU B 157 6.48 -22.80 -1.28
C LEU B 157 6.38 -23.87 -0.22
N LYS B 158 7.00 -25.03 -0.47
CA LYS B 158 6.99 -26.09 0.52
C LYS B 158 8.01 -25.66 1.59
N GLY B 159 9.04 -24.96 1.15
CA GLY B 159 10.04 -24.46 2.08
C GLY B 159 9.39 -23.47 3.01
N TYR B 160 8.65 -22.51 2.46
CA TYR B 160 7.97 -21.49 3.27
C TYR B 160 6.98 -22.06 4.28
N ALA B 161 6.23 -23.08 3.89
CA ALA B 161 5.26 -23.70 4.80
C ALA B 161 6.00 -24.33 5.97
N LEU B 162 7.11 -25.02 5.69
CA LEU B 162 7.90 -25.64 6.75
C LEU B 162 8.50 -24.58 7.66
N ALA B 163 8.98 -23.49 7.07
CA ALA B 163 9.55 -22.38 7.83
C ALA B 163 8.54 -21.76 8.77
N LEU B 164 7.27 -21.74 8.36
CA LEU B 164 6.21 -21.18 9.19
C LEU B 164 5.54 -22.25 10.05
N GLY B 165 6.16 -23.43 10.09
CA GLY B 165 5.65 -24.53 10.89
C GLY B 165 4.32 -25.09 10.45
N LYS B 166 3.93 -24.82 9.21
CA LYS B 166 2.68 -25.34 8.69
C LYS B 166 3.00 -26.63 7.93
N GLU B 167 1.97 -27.40 7.60
CA GLU B 167 2.20 -28.66 6.88
C GLU B 167 2.78 -28.30 5.50
N GLU B 168 3.70 -29.13 5.03
CA GLU B 168 4.40 -28.92 3.75
C GLU B 168 3.59 -28.45 2.53
N ASN B 169 2.34 -28.88 2.44
CA ASN B 169 1.49 -28.48 1.32
C ASN B 169 0.50 -27.40 1.68
N PHE B 170 0.81 -26.65 2.73
CA PHE B 170 -0.02 -25.57 3.22
C PHE B 170 -0.29 -24.55 2.11
N PHE B 171 0.79 -24.10 1.48
CA PHE B 171 0.75 -23.13 0.38
C PHE B 171 0.57 -23.81 -0.97
N ALA B 172 1.46 -24.75 -1.26
CA ALA B 172 1.48 -25.49 -2.52
C ALA B 172 0.12 -25.99 -3.00
N ARG B 173 -0.70 -26.47 -2.08
CA ARG B 173 -2.01 -26.99 -2.42
C ARG B 173 -2.87 -26.00 -3.20
N HIS B 174 -2.49 -24.73 -3.18
CA HIS B 174 -3.25 -23.69 -3.89
C HIS B 174 -2.54 -23.18 -5.15
N PHE B 175 -1.37 -23.75 -5.41
CA PHE B 175 -0.54 -23.41 -6.56
C PHE B 175 -0.78 -24.56 -7.55
N LYS B 176 -1.80 -24.40 -8.38
CA LYS B 176 -2.17 -25.42 -9.36
C LYS B 176 -2.02 -24.87 -10.78
N PRO B 177 -1.55 -25.71 -11.70
CA PRO B 177 -1.33 -25.39 -13.12
C PRO B 177 -2.56 -24.94 -13.88
N ASP B 178 -3.71 -25.53 -13.59
CA ASP B 178 -4.91 -25.17 -14.32
C ASP B 178 -5.52 -23.84 -13.94
N ASP B 179 -5.15 -23.28 -12.80
CA ASP B 179 -5.76 -22.02 -12.41
C ASP B 179 -4.85 -20.97 -11.83
N THR B 180 -3.59 -21.32 -11.62
CA THR B 180 -2.68 -20.35 -11.03
C THR B 180 -2.70 -19.06 -11.82
N LEU B 181 -2.64 -17.95 -11.08
CA LEU B 181 -2.67 -16.61 -11.66
C LEU B 181 -1.29 -15.97 -11.75
N ALA B 182 -0.25 -16.78 -11.59
CA ALA B 182 1.13 -16.30 -11.68
C ALA B 182 1.39 -15.74 -13.09
N SER B 183 2.36 -14.82 -13.20
CA SER B 183 2.69 -14.20 -14.47
C SER B 183 4.19 -14.02 -14.63
N VAL B 184 4.66 -14.10 -15.87
CA VAL B 184 6.08 -13.90 -16.14
C VAL B 184 6.17 -12.56 -16.82
N VAL B 185 7.23 -11.81 -16.52
CA VAL B 185 7.43 -10.52 -17.15
C VAL B 185 8.88 -10.50 -17.60
N LEU B 186 9.08 -10.22 -18.89
CA LEU B 186 10.41 -10.14 -19.47
C LEU B 186 10.69 -8.64 -19.59
N ILE B 187 11.45 -8.09 -18.66
CA ILE B 187 11.75 -6.66 -18.65
C ILE B 187 13.06 -6.36 -19.32
N ARG B 188 13.08 -5.23 -20.01
CA ARG B 188 14.26 -4.80 -20.70
C ARG B 188 14.60 -3.38 -20.29
N TYR B 189 15.80 -3.21 -19.77
CA TYR B 189 16.27 -1.89 -19.38
C TYR B 189 17.28 -1.54 -20.47
N PRO B 190 16.95 -0.56 -21.31
CA PRO B 190 17.83 -0.15 -22.39
C PRO B 190 19.05 0.66 -21.98
N TYR B 191 19.85 0.96 -23.00
CA TYR B 191 21.02 1.80 -22.85
C TYR B 191 20.54 2.90 -23.80
N LEU B 192 20.63 4.14 -23.37
CA LEU B 192 20.20 5.25 -24.22
C LEU B 192 21.08 6.45 -23.96
N ASP B 193 21.36 7.21 -25.01
CA ASP B 193 22.17 8.40 -24.89
C ASP B 193 21.67 9.44 -25.87
N PRO B 194 21.11 10.54 -25.36
CA PRO B 194 20.98 10.77 -23.91
C PRO B 194 19.84 9.91 -23.33
N TYR B 195 19.95 9.60 -22.05
CA TYR B 195 18.90 8.83 -21.41
C TYR B 195 17.81 9.83 -21.09
N PRO B 196 16.56 9.51 -21.49
CA PRO B 196 15.43 10.41 -21.24
C PRO B 196 15.39 10.80 -19.76
N GLU B 197 15.44 12.12 -19.48
CA GLU B 197 15.40 12.65 -18.11
C GLU B 197 14.11 12.26 -17.39
N ALA B 198 12.97 12.42 -18.04
CA ALA B 198 11.68 12.07 -17.42
C ALA B 198 11.59 10.61 -16.96
N ALA B 199 12.44 9.75 -17.49
CA ALA B 199 12.42 8.34 -17.13
C ALA B 199 13.27 8.03 -15.89
N ILE B 200 13.86 9.06 -15.31
CA ILE B 200 14.69 8.89 -14.13
C ILE B 200 14.04 9.69 -12.98
N LYS B 201 13.62 8.96 -11.97
CA LYS B 201 12.99 9.54 -10.79
C LYS B 201 14.09 9.63 -9.77
N THR B 202 14.08 10.66 -8.94
CA THR B 202 15.11 10.79 -7.93
C THR B 202 14.53 10.65 -6.53
N ALA B 203 15.06 9.69 -5.79
CA ALA B 203 14.60 9.44 -4.43
C ALA B 203 14.93 10.64 -3.57
N ALA B 204 14.31 10.73 -2.39
CA ALA B 204 14.53 11.84 -1.48
C ALA B 204 15.98 11.96 -1.02
N ASP B 205 16.67 10.82 -0.91
CA ASP B 205 18.08 10.83 -0.52
C ASP B 205 18.95 11.14 -1.74
N GLY B 206 18.28 11.45 -2.85
CA GLY B 206 18.94 11.81 -4.08
C GLY B 206 19.12 10.74 -5.13
N THR B 207 19.17 9.49 -4.69
CA THR B 207 19.36 8.35 -5.58
C THR B 207 18.51 8.34 -6.85
N LYS B 208 19.18 8.22 -8.01
CA LYS B 208 18.49 8.14 -9.29
C LYS B 208 17.86 6.75 -9.33
N LEU B 209 16.60 6.66 -9.72
CA LEU B 209 15.90 5.39 -9.74
C LEU B 209 15.12 5.16 -11.01
N SER B 210 14.96 3.89 -11.37
CA SER B 210 14.17 3.51 -12.53
C SER B 210 12.76 3.28 -11.98
N PHE B 211 12.67 2.74 -10.76
CA PHE B 211 11.40 2.49 -10.10
C PHE B 211 11.46 2.83 -8.62
N GLU B 212 10.46 3.58 -8.16
CA GLU B 212 10.34 4.02 -6.78
C GLU B 212 9.95 2.84 -5.88
N TRP B 213 10.06 3.04 -4.56
CA TRP B 213 9.76 2.01 -3.57
C TRP B 213 8.38 1.38 -3.72
N HIS B 214 8.22 0.19 -3.15
CA HIS B 214 6.95 -0.51 -3.25
C HIS B 214 7.12 -1.90 -2.72
N GLU B 215 5.98 -2.54 -2.47
CA GLU B 215 5.93 -3.92 -2.03
C GLU B 215 5.29 -4.69 -3.18
N ASP B 216 5.83 -5.87 -3.48
CA ASP B 216 5.31 -6.66 -4.57
C ASP B 216 3.93 -7.13 -4.28
N VAL B 217 3.12 -7.20 -5.32
CA VAL B 217 1.77 -7.72 -5.24
C VAL B 217 1.88 -9.16 -5.76
N SER B 218 2.10 -10.09 -4.82
CA SER B 218 2.24 -11.53 -5.12
C SER B 218 2.32 -12.27 -3.79
N LEU B 219 2.38 -13.60 -3.84
CA LEU B 219 2.56 -14.42 -2.62
C LEU B 219 4.07 -14.34 -2.39
N ILE B 220 4.85 -14.69 -3.42
CA ILE B 220 6.32 -14.60 -3.41
C ILE B 220 6.72 -14.27 -4.85
N THR B 221 7.87 -13.64 -5.01
CA THR B 221 8.38 -13.27 -6.32
C THR B 221 9.70 -14.01 -6.62
N VAL B 222 9.73 -14.73 -7.74
CA VAL B 222 10.93 -15.48 -8.15
C VAL B 222 11.51 -14.72 -9.34
N LEU B 223 12.64 -14.05 -9.10
CA LEU B 223 13.24 -13.25 -10.14
C LEU B 223 14.63 -13.67 -10.62
N TYR B 224 14.85 -13.57 -11.93
CA TYR B 224 16.16 -13.84 -12.50
C TYR B 224 16.57 -12.51 -13.14
N GLN B 225 17.80 -12.10 -12.94
CA GLN B 225 18.24 -10.83 -13.45
C GLN B 225 19.71 -10.90 -13.83
N SER B 226 20.06 -10.31 -14.97
CA SER B 226 21.44 -10.33 -15.43
C SER B 226 22.37 -9.66 -14.40
N ASN B 227 23.63 -10.03 -14.45
CA ASN B 227 24.63 -9.51 -13.52
C ASN B 227 24.85 -8.00 -13.56
N VAL B 228 23.93 -7.24 -12.99
CA VAL B 228 24.03 -5.77 -12.91
C VAL B 228 23.35 -5.38 -11.61
N GLN B 229 23.99 -4.50 -10.86
CA GLN B 229 23.45 -4.07 -9.57
C GLN B 229 22.42 -2.95 -9.75
N ASN B 230 21.22 -3.14 -9.21
CA ASN B 230 20.19 -2.11 -9.28
C ASN B 230 19.21 -2.12 -8.12
N LEU B 231 19.03 -3.27 -7.47
CA LEU B 231 18.09 -3.38 -6.36
C LEU B 231 18.61 -2.89 -5.02
N GLN B 232 17.69 -2.33 -4.22
CA GLN B 232 17.99 -1.84 -2.88
C GLN B 232 16.81 -2.18 -2.01
N VAL B 233 17.09 -2.72 -0.83
CA VAL B 233 16.07 -3.11 0.15
C VAL B 233 16.12 -2.12 1.26
N GLU B 234 14.97 -1.73 1.78
CA GLU B 234 14.98 -0.80 2.89
C GLU B 234 15.06 -1.63 4.17
N THR B 235 16.18 -1.53 4.86
CA THR B 235 16.36 -2.27 6.09
C THR B 235 16.30 -1.28 7.24
N ALA B 236 16.57 -1.76 8.44
CA ALA B 236 16.56 -0.91 9.63
C ALA B 236 17.69 0.10 9.56
N ALA B 237 18.69 -0.18 8.74
CA ALA B 237 19.83 0.71 8.58
C ALA B 237 19.66 1.53 7.30
N GLY B 238 18.43 1.68 6.85
CA GLY B 238 18.15 2.43 5.64
C GLY B 238 18.28 1.51 4.45
N TYR B 239 18.35 2.08 3.25
CA TYR B 239 18.47 1.24 2.06
C TYR B 239 19.83 0.59 1.93
N GLN B 240 19.85 -0.61 1.37
CA GLN B 240 21.08 -1.36 1.15
C GLN B 240 21.01 -2.06 -0.19
N ASP B 241 22.13 -2.02 -0.92
CA ASP B 241 22.23 -2.65 -2.24
C ASP B 241 22.16 -4.16 -2.10
N ILE B 242 21.61 -4.84 -3.11
CA ILE B 242 21.55 -6.29 -3.10
C ILE B 242 22.55 -6.73 -4.16
N GLU B 243 23.48 -7.59 -3.77
CA GLU B 243 24.49 -8.06 -4.69
C GLU B 243 23.81 -8.81 -5.84
N ALA B 244 24.44 -8.76 -7.00
CA ALA B 244 23.91 -9.42 -8.18
C ALA B 244 24.46 -10.84 -8.16
N ASP B 245 23.85 -11.72 -8.96
CA ASP B 245 24.27 -13.11 -9.06
C ASP B 245 23.50 -13.70 -10.24
N ASP B 246 24.17 -13.83 -11.37
CA ASP B 246 23.53 -14.38 -12.57
C ASP B 246 23.30 -15.88 -12.53
N THR B 247 23.66 -16.52 -11.43
CA THR B 247 23.48 -17.96 -11.32
C THR B 247 22.23 -18.32 -10.53
N GLY B 248 21.85 -17.45 -9.60
CA GLY B 248 20.70 -17.72 -8.78
C GLY B 248 19.48 -16.86 -9.02
N TYR B 249 18.41 -17.25 -8.32
CA TYR B 249 17.13 -16.55 -8.38
C TYR B 249 16.96 -15.77 -7.09
N LEU B 250 16.54 -14.52 -7.20
CA LEU B 250 16.34 -13.67 -6.03
C LEU B 250 14.90 -13.86 -5.59
N ILE B 251 14.72 -14.32 -4.35
CA ILE B 251 13.37 -14.56 -3.81
C ILE B 251 13.01 -13.54 -2.75
N ASN B 252 11.71 -13.22 -2.70
CA ASN B 252 11.15 -12.29 -1.72
C ASN B 252 9.64 -12.47 -1.62
N CYS B 253 9.08 -12.08 -0.49
CA CYS B 253 7.65 -12.18 -0.23
C CYS B 253 6.89 -11.00 -0.79
N GLY B 254 5.61 -11.22 -1.07
CA GLY B 254 4.75 -10.18 -1.56
C GLY B 254 3.85 -9.78 -0.41
N SER B 255 2.98 -8.79 -0.63
CA SER B 255 2.11 -8.34 0.43
C SER B 255 1.10 -9.40 0.90
N TYR B 256 0.86 -10.43 0.10
CA TYR B 256 -0.08 -11.47 0.51
C TYR B 256 0.54 -12.38 1.57
N MET B 257 1.86 -12.54 1.56
CA MET B 257 2.50 -13.35 2.59
C MET B 257 2.41 -12.54 3.89
N ALA B 258 2.67 -11.23 3.78
CA ALA B 258 2.61 -10.34 4.94
C ALA B 258 1.21 -10.40 5.55
N HIS B 259 0.20 -10.39 4.70
CA HIS B 259 -1.19 -10.46 5.18
C HIS B 259 -1.45 -11.77 5.94
N LEU B 260 -1.06 -12.87 5.31
CA LEU B 260 -1.27 -14.20 5.86
C LEU B 260 -0.58 -14.39 7.21
N THR B 261 0.71 -14.07 7.29
CA THR B 261 1.49 -14.24 8.50
C THR B 261 1.38 -13.08 9.47
N ASN B 262 0.35 -12.27 9.28
CA ASN B 262 0.09 -11.10 10.12
C ASN B 262 1.33 -10.23 10.28
N ASN B 263 2.15 -10.21 9.23
CA ASN B 263 3.38 -9.43 9.14
C ASN B 263 4.62 -10.03 9.79
N TYR B 264 4.54 -11.30 10.18
CA TYR B 264 5.68 -11.99 10.76
C TYR B 264 6.74 -12.06 9.65
N TYR B 265 6.26 -12.22 8.43
CA TYR B 265 7.08 -12.24 7.21
C TYR B 265 6.56 -11.03 6.44
N LYS B 266 7.24 -9.90 6.56
CA LYS B 266 6.77 -8.70 5.88
C LYS B 266 7.16 -8.65 4.43
N ALA B 267 6.45 -7.85 3.65
CA ALA B 267 6.76 -7.68 2.24
C ALA B 267 7.84 -6.61 2.20
N PRO B 268 9.09 -7.00 1.85
CA PRO B 268 10.18 -6.02 1.79
C PRO B 268 9.88 -4.87 0.84
N ILE B 269 10.08 -3.66 1.34
CA ILE B 269 9.88 -2.48 0.53
C ILE B 269 11.22 -2.38 -0.20
N HIS B 270 11.20 -2.18 -1.51
CA HIS B 270 12.43 -2.07 -2.29
C HIS B 270 12.28 -1.16 -3.49
N ARG B 271 13.39 -0.76 -4.06
CA ARG B 271 13.36 0.14 -5.21
C ARG B 271 14.42 -0.29 -6.23
N VAL B 272 14.33 0.25 -7.44
CA VAL B 272 15.23 -0.10 -8.53
C VAL B 272 16.06 1.11 -8.98
N LYS B 273 17.36 1.07 -8.67
CA LYS B 273 18.28 2.13 -9.06
C LYS B 273 18.32 2.27 -10.56
N TRP B 274 18.68 3.44 -11.04
CA TRP B 274 18.79 3.69 -12.48
C TRP B 274 20.23 3.47 -12.93
N VAL B 275 20.39 2.55 -13.88
CA VAL B 275 21.70 2.24 -14.41
C VAL B 275 21.55 2.24 -15.91
N ASN B 276 22.31 3.11 -16.57
CA ASN B 276 22.25 3.17 -18.03
C ASN B 276 23.08 2.02 -18.55
N ALA B 277 22.43 0.89 -18.80
CA ALA B 277 23.10 -0.31 -19.29
C ALA B 277 22.09 -1.36 -19.73
N GLU B 278 22.25 -1.86 -20.96
CA GLU B 278 21.36 -2.88 -21.49
C GLU B 278 21.39 -4.10 -20.60
N ARG B 279 20.31 -4.31 -19.87
CA ARG B 279 20.21 -5.46 -19.00
C ARG B 279 18.75 -5.91 -18.95
N GLN B 280 18.50 -7.07 -18.37
CA GLN B 280 17.15 -7.58 -18.28
C GLN B 280 16.80 -8.08 -16.89
N SER B 281 15.51 -8.05 -16.59
CA SER B 281 15.00 -8.49 -15.30
C SER B 281 13.81 -9.37 -15.64
N LEU B 282 13.76 -10.55 -15.03
CA LEU B 282 12.68 -11.49 -15.32
C LEU B 282 12.01 -12.06 -14.07
N PRO B 283 11.03 -11.35 -13.51
CA PRO B 283 10.35 -11.84 -12.32
C PRO B 283 9.20 -12.77 -12.66
N PHE B 284 8.92 -13.70 -11.76
CA PHE B 284 7.81 -14.63 -11.90
C PHE B 284 7.07 -14.36 -10.61
N PHE B 285 5.90 -13.74 -10.71
CA PHE B 285 5.11 -13.43 -9.54
C PHE B 285 4.21 -14.60 -9.20
N VAL B 286 4.52 -15.29 -8.11
CA VAL B 286 3.76 -16.44 -7.69
C VAL B 286 2.41 -16.04 -7.11
N ASN B 287 1.35 -16.30 -7.87
CA ASN B 287 -0.02 -15.98 -7.48
C ASN B 287 -0.77 -17.30 -7.37
N LEU B 288 -1.80 -17.33 -6.55
CA LEU B 288 -2.59 -18.54 -6.36
C LEU B 288 -3.83 -18.53 -7.27
N GLY B 289 -4.78 -19.41 -6.99
CA GLY B 289 -6.01 -19.45 -7.78
C GLY B 289 -6.89 -18.26 -7.44
N TYR B 290 -7.85 -17.96 -8.32
CA TYR B 290 -8.76 -16.84 -8.10
C TYR B 290 -9.62 -16.99 -6.85
N ASP B 291 -10.07 -18.21 -6.59
CA ASP B 291 -10.89 -18.52 -5.43
C ASP B 291 -10.08 -19.00 -4.23
N SER B 292 -8.76 -18.95 -4.31
CA SER B 292 -7.92 -19.42 -3.22
C SER B 292 -8.00 -18.54 -1.98
N VAL B 293 -8.29 -19.17 -0.84
CA VAL B 293 -8.40 -18.48 0.44
C VAL B 293 -7.63 -19.24 1.52
N ILE B 294 -6.72 -18.57 2.20
CA ILE B 294 -5.95 -19.17 3.28
C ILE B 294 -6.24 -18.30 4.49
N ASP B 295 -6.55 -18.94 5.61
CA ASP B 295 -6.85 -18.21 6.82
C ASP B 295 -5.58 -17.66 7.43
N PRO B 296 -5.58 -16.37 7.78
CA PRO B 296 -4.42 -15.69 8.37
C PRO B 296 -4.01 -16.28 9.72
N PHE B 297 -2.74 -16.14 10.06
CA PHE B 297 -2.21 -16.66 11.30
C PHE B 297 -1.05 -15.82 11.75
N ASP B 298 -0.80 -15.83 13.05
CA ASP B 298 0.31 -15.09 13.61
C ASP B 298 1.13 -16.09 14.39
N PRO B 299 2.31 -16.43 13.89
CA PRO B 299 3.24 -17.39 14.50
C PRO B 299 3.80 -16.89 15.83
N ARG B 300 3.60 -15.61 16.12
CA ARG B 300 4.09 -15.02 17.37
C ARG B 300 3.09 -15.28 18.51
N GLU B 301 1.88 -15.71 18.14
CA GLU B 301 0.83 -16.00 19.10
C GLU B 301 0.73 -17.47 19.43
N PRO B 302 0.48 -17.81 20.71
CA PRO B 302 0.34 -19.18 21.20
C PRO B 302 -0.68 -19.97 20.36
N ASN B 303 -1.88 -19.42 20.23
CA ASN B 303 -2.95 -20.02 19.44
C ASN B 303 -2.48 -20.07 18.00
N GLY B 304 -1.68 -19.06 17.61
CA GLY B 304 -1.21 -18.96 16.25
C GLY B 304 -2.30 -18.18 15.51
N LYS B 305 -3.38 -17.90 16.24
CA LYS B 305 -4.51 -17.17 15.72
C LYS B 305 -4.14 -15.72 15.39
N SER B 306 -4.83 -15.19 14.39
CA SER B 306 -4.62 -13.83 13.93
C SER B 306 -5.98 -13.18 13.88
N ASP B 307 -5.97 -11.86 14.05
CA ASP B 307 -7.22 -11.13 14.00
C ASP B 307 -7.61 -10.87 12.56
N ARG B 308 -6.63 -10.79 11.67
CA ARG B 308 -6.91 -10.54 10.26
C ARG B 308 -7.89 -11.56 9.68
N GLU B 309 -8.78 -11.10 8.81
CA GLU B 309 -9.77 -11.98 8.19
C GLU B 309 -9.28 -12.49 6.83
N PRO B 310 -9.70 -13.71 6.46
CA PRO B 310 -9.31 -14.32 5.20
C PRO B 310 -9.70 -13.45 3.99
N LEU B 311 -8.81 -13.42 3.02
CA LEU B 311 -8.97 -12.62 1.82
C LEU B 311 -8.67 -13.55 0.65
N SER B 312 -9.64 -13.72 -0.25
CA SER B 312 -9.42 -14.58 -1.41
C SER B 312 -8.36 -13.94 -2.30
N TYR B 313 -7.60 -14.78 -2.99
CA TYR B 313 -6.55 -14.29 -3.84
C TYR B 313 -7.09 -13.44 -4.97
N GLY B 314 -8.27 -13.77 -5.48
CA GLY B 314 -8.85 -12.99 -6.55
C GLY B 314 -9.08 -11.55 -6.17
N ASP B 315 -9.65 -11.31 -4.99
CA ASP B 315 -9.92 -9.95 -4.51
C ASP B 315 -8.64 -9.21 -4.24
N TYR B 316 -7.70 -9.88 -3.58
CA TYR B 316 -6.40 -9.31 -3.28
C TYR B 316 -5.67 -8.88 -4.55
N LEU B 317 -5.61 -9.79 -5.54
CA LEU B 317 -4.94 -9.52 -6.81
C LEU B 317 -5.58 -8.36 -7.56
N GLN B 318 -6.89 -8.42 -7.72
CA GLN B 318 -7.63 -7.37 -8.42
C GLN B 318 -7.30 -5.99 -7.85
N ASN B 319 -7.48 -5.83 -6.55
CA ASN B 319 -7.20 -4.55 -5.88
C ASN B 319 -5.75 -4.12 -6.05
N GLY B 320 -4.83 -5.03 -5.76
CA GLY B 320 -3.41 -4.72 -5.87
C GLY B 320 -2.99 -4.25 -7.23
N LEU B 321 -3.56 -4.84 -8.28
CA LEU B 321 -3.20 -4.44 -9.63
C LEU B 321 -3.80 -3.09 -10.00
N VAL B 322 -5.06 -2.86 -9.62
CA VAL B 322 -5.71 -1.60 -9.96
C VAL B 322 -5.01 -0.41 -9.30
N SER B 323 -4.31 -0.68 -8.21
CA SER B 323 -3.61 0.38 -7.53
C SER B 323 -2.36 0.85 -8.30
N LEU B 324 -1.72 -0.05 -9.03
CA LEU B 324 -0.51 0.31 -9.79
C LEU B 324 -0.71 0.94 -11.18
N ILE B 325 0.34 1.59 -11.69
CA ILE B 325 0.31 2.27 -13.00
C ILE B 325 0.19 1.24 -14.12
N ASN B 326 -0.98 1.15 -14.73
CA ASN B 326 -1.18 0.18 -15.80
C ASN B 326 -0.07 0.18 -16.84
N LYS B 327 0.33 1.37 -17.28
CA LYS B 327 1.38 1.52 -18.28
C LYS B 327 2.73 0.90 -17.89
N ASN B 328 3.03 0.84 -16.61
CA ASN B 328 4.31 0.27 -16.18
C ASN B 328 4.21 -1.20 -15.78
N GLY B 329 3.16 -1.52 -15.02
CA GLY B 329 2.95 -2.89 -14.56
C GLY B 329 3.98 -3.42 -13.57
N GLN B 330 4.14 -4.74 -13.61
CA GLN B 330 5.03 -5.59 -12.80
C GLN B 330 4.06 -6.41 -11.93
N THR B 331 3.72 -7.58 -12.46
CA THR B 331 2.79 -8.62 -11.94
C THR B 331 1.87 -9.01 -13.13
#